data_2PD0
#
_entry.id   2PD0
#
_cell.length_a   49.527
_cell.length_b   68.522
_cell.length_c   79.570
_cell.angle_alpha   69.29
_cell.angle_beta   75.14
_cell.angle_gamma   93.73
#
_symmetry.space_group_name_H-M   'P 1'
#
loop_
_entity.id
_entity.type
_entity.pdbx_description
1 polymer 'Hypothetical protein'
2 non-polymer '2-(N-MORPHOLINO)-ETHANESULFONIC ACID'
3 water water
#
_entity_poly.entity_id   1
_entity_poly.type   'polypeptide(L)'
_entity_poly.pdbx_seq_one_letter_code
;MGSSHHHHHHSSGLVPRGSKLLGVNSFALRQFVEGYRGSYIPR(MSE)SPYEFLRNVNNYIIENNPTLVDGYADFCKHIF
IPNFTEAKQSIVKITNENEKYIKTGYISRRDEEIPVLSRWFPKDSPPASQLIKSKYLDIILYSKEQCEKESSI(MSE)NC
CLQDILDDREKNPDWYIISIKAQNESFEVP(MSE)EPITILRNTLIEEGGSGVPLKREKYLESVEFWKEHAIVSS
;
_entity_poly.pdbx_strand_id   A,B,C,D
#
loop_
_chem_comp.id
_chem_comp.type
_chem_comp.name
_chem_comp.formula
MES non-polymer '2-(N-MORPHOLINO)-ETHANESULFONIC ACID' 'C6 H13 N O4 S'
#
# COMPACT_ATOMS: atom_id res chain seq x y z
N SER A 19 24.90 7.14 3.04
CA SER A 19 25.81 8.07 3.67
C SER A 19 26.94 7.34 4.38
N LYS A 20 27.94 6.93 3.61
CA LYS A 20 28.74 7.86 2.82
C LYS A 20 28.55 7.61 1.33
N LEU A 21 29.39 6.81 0.70
CA LEU A 21 28.92 5.87 -0.31
C LEU A 21 28.49 4.53 0.27
N LEU A 22 27.88 3.66 -0.53
CA LEU A 22 27.29 2.40 -0.06
C LEU A 22 28.31 1.28 -0.10
N GLY A 23 28.03 0.20 0.62
CA GLY A 23 28.62 -1.11 0.32
C GLY A 23 27.52 -2.06 -0.10
N VAL A 24 27.91 -3.27 -0.50
CA VAL A 24 26.94 -4.37 -0.73
C VAL A 24 27.13 -5.45 0.30
N ASN A 25 26.20 -5.68 1.11
CA ASN A 25 26.18 -6.81 2.00
C ASN A 25 26.05 -8.13 1.22
N SER A 26 26.67 -9.18 1.77
CA SER A 26 26.78 -10.47 1.11
C SER A 26 25.41 -11.12 0.81
N PHE A 27 24.37 -10.75 1.56
CA PHE A 27 23.00 -11.22 1.30
C PHE A 27 22.49 -10.92 -0.12
N ALA A 28 22.81 -9.73 -0.63
CA ALA A 28 22.40 -9.26 -1.97
C ALA A 28 22.99 -10.00 -3.17
N LEU A 29 24.05 -10.75 -2.92
CA LEU A 29 24.85 -11.38 -3.95
C LEU A 29 24.08 -12.53 -4.63
N ARG A 30 23.15 -13.11 -3.89
CA ARG A 30 22.15 -14.04 -4.40
C ARG A 30 21.30 -13.52 -5.59
N GLN A 31 21.16 -12.19 -5.75
CA GLN A 31 20.36 -11.61 -6.80
C GLN A 31 21.06 -11.49 -8.16
N PHE A 32 22.35 -11.81 -8.20
CA PHE A 32 23.10 -11.75 -9.43
C PHE A 32 23.27 -13.16 -10.02
N VAL A 33 22.53 -14.12 -9.46
CA VAL A 33 22.57 -15.50 -9.91
C VAL A 33 21.20 -15.91 -10.47
N GLU A 34 21.19 -16.34 -11.74
CA GLU A 34 19.97 -16.73 -12.41
C GLU A 34 19.32 -17.86 -11.64
N GLY A 35 18.02 -17.74 -11.58
CA GLY A 35 17.13 -18.49 -10.80
C GLY A 35 16.70 -17.84 -9.50
N TYR A 36 17.22 -16.64 -9.19
CA TYR A 36 16.81 -15.94 -7.99
C TYR A 36 15.29 -15.72 -8.03
N ARG A 37 14.61 -15.94 -6.90
CA ARG A 37 13.16 -15.79 -6.87
C ARG A 37 12.75 -14.36 -6.53
N GLY A 38 12.75 -13.51 -7.55
CA GLY A 38 12.54 -12.07 -7.41
C GLY A 38 13.43 -11.37 -8.44
N SER A 39 13.91 -10.18 -8.08
CA SER A 39 14.64 -9.31 -9.03
C SER A 39 16.04 -9.81 -9.35
N TYR A 40 16.18 -10.38 -10.54
CA TYR A 40 17.46 -10.90 -10.98
C TYR A 40 18.11 -9.80 -11.75
N ILE A 41 19.34 -9.44 -11.35
CA ILE A 41 20.10 -8.42 -12.03
C ILE A 41 21.08 -9.07 -13.00
N PRO A 42 20.76 -9.04 -14.31
CA PRO A 42 21.59 -9.80 -15.24
C PRO A 42 22.81 -9.03 -15.74
N ARG A 43 23.83 -9.79 -16.17
CA ARG A 43 24.90 -9.30 -17.04
C ARG A 43 25.76 -8.18 -16.45
N MSE A 44 25.81 -8.11 -15.13
CA MSE A 44 26.58 -7.13 -14.42
C MSE A 44 27.04 -7.77 -13.11
O MSE A 44 26.31 -8.53 -12.50
CB MSE A 44 25.73 -5.91 -14.13
CG MSE A 44 26.43 -4.66 -13.62
SE MSE A 44 25.02 -3.24 -13.41
CE MSE A 44 24.82 -2.58 -15.26
N SER A 45 28.26 -7.45 -12.70
CA SER A 45 28.76 -7.89 -11.41
C SER A 45 28.18 -7.05 -10.25
N PRO A 46 28.04 -7.63 -9.06
CA PRO A 46 27.72 -6.84 -7.86
C PRO A 46 28.55 -5.57 -7.68
N TYR A 47 29.86 -5.68 -7.91
CA TYR A 47 30.81 -4.57 -7.87
C TYR A 47 30.51 -3.45 -8.88
N GLU A 48 30.27 -3.83 -10.15
CA GLU A 48 29.83 -2.91 -11.21
C GLU A 48 28.45 -2.34 -10.88
N PHE A 49 27.61 -3.13 -10.23
CA PHE A 49 26.32 -2.63 -9.79
C PHE A 49 26.49 -1.56 -8.70
N LEU A 50 27.34 -1.78 -7.72
CA LEU A 50 27.67 -0.78 -6.68
C LEU A 50 28.34 0.56 -7.08
N ARG A 51 29.32 0.53 -7.96
N ARG A 51 29.32 0.56 -7.98
CA ARG A 51 29.86 1.75 -8.59
CA ARG A 51 29.83 1.85 -8.52
C ARG A 51 28.77 2.62 -9.21
C ARG A 51 28.77 2.67 -9.24
N ASN A 52 27.90 2.03 -10.02
CA ASN A 52 26.90 2.78 -10.74
C ASN A 52 25.92 3.40 -9.73
N VAL A 53 25.55 2.66 -8.71
CA VAL A 53 24.65 3.18 -7.74
C VAL A 53 25.28 4.32 -6.98
N ASN A 54 26.51 4.10 -6.58
CA ASN A 54 27.29 5.13 -5.99
C ASN A 54 27.53 6.40 -6.76
N ASN A 55 27.64 6.28 -8.05
CA ASN A 55 27.73 7.40 -8.95
C ASN A 55 26.47 8.24 -8.97
N TYR A 56 25.34 7.54 -9.09
CA TYR A 56 24.02 8.11 -9.01
C TYR A 56 23.90 9.01 -7.84
N ILE A 57 24.32 8.53 -6.70
CA ILE A 57 24.39 9.21 -5.44
C ILE A 57 25.22 10.47 -5.47
N ILE A 58 26.50 10.25 -5.99
CA ILE A 58 27.39 11.41 -6.17
C ILE A 58 26.76 12.48 -7.10
N GLU A 59 26.18 12.03 -8.22
CA GLU A 59 25.67 12.91 -9.27
C GLU A 59 24.30 13.51 -8.97
N ASN A 60 23.45 12.77 -8.27
CA ASN A 60 22.06 13.17 -8.11
C ASN A 60 21.60 13.42 -6.68
N ASN A 61 22.46 13.12 -5.70
CA ASN A 61 22.14 13.18 -4.27
C ASN A 61 20.68 12.80 -3.93
N PRO A 62 20.32 11.52 -4.14
CA PRO A 62 18.93 11.06 -3.92
C PRO A 62 18.45 11.13 -2.46
N THR A 63 17.15 11.01 -2.30
CA THR A 63 16.52 11.00 -1.00
C THR A 63 16.57 9.68 -0.24
N LEU A 64 17.14 9.75 0.94
CA LEU A 64 17.23 8.65 1.83
C LEU A 64 16.01 8.46 2.72
N VAL A 65 15.33 7.35 2.55
CA VAL A 65 13.94 7.21 2.90
C VAL A 65 13.80 6.20 4.00
N ASP A 66 13.04 6.55 5.01
CA ASP A 66 12.79 5.63 6.16
C ASP A 66 12.23 4.29 5.68
N GLY A 67 12.83 3.19 6.13
CA GLY A 67 12.20 1.88 5.98
C GLY A 67 11.40 1.47 7.20
N TYR A 68 11.19 0.18 7.33
CA TYR A 68 10.26 -0.37 8.29
C TYR A 68 10.78 -0.30 9.74
N ALA A 69 12.11 -0.10 9.90
CA ALA A 69 12.77 0.14 11.20
C ALA A 69 13.88 1.18 11.01
N ASP A 70 14.40 1.69 12.14
N ASP A 70 14.43 1.71 12.10
CA ASP A 70 15.45 2.73 12.14
CA ASP A 70 15.46 2.77 11.98
C ASP A 70 16.74 2.34 11.38
C ASP A 70 16.74 2.33 11.28
N PHE A 71 17.05 1.04 11.38
CA PHE A 71 18.24 0.48 10.73
C PHE A 71 18.06 0.22 9.22
N CYS A 72 16.90 0.54 8.68
CA CYS A 72 16.61 0.21 7.29
C CYS A 72 16.15 1.44 6.53
N LYS A 73 16.87 1.76 5.45
CA LYS A 73 16.60 2.85 4.54
C LYS A 73 16.40 2.39 3.08
N HIS A 74 15.98 3.34 2.24
CA HIS A 74 15.68 3.05 0.86
C HIS A 74 16.13 4.21 0.02
N ILE A 75 16.64 3.89 -1.15
N ILE A 75 16.64 3.88 -1.16
CA ILE A 75 16.67 4.88 -2.19
CA ILE A 75 16.73 4.86 -2.24
C ILE A 75 15.89 4.26 -3.35
C ILE A 75 16.11 4.29 -3.51
N PHE A 76 15.30 5.11 -4.18
CA PHE A 76 14.62 4.69 -5.43
C PHE A 76 15.32 5.34 -6.63
N ILE A 77 15.86 4.55 -7.54
CA ILE A 77 16.62 5.11 -8.66
C ILE A 77 16.10 4.59 -9.96
N PRO A 78 16.20 5.39 -11.04
CA PRO A 78 15.88 4.79 -12.35
C PRO A 78 16.70 3.52 -12.56
N ASN A 79 16.07 2.52 -13.15
CA ASN A 79 16.71 1.23 -13.39
C ASN A 79 17.73 1.41 -14.51
N PHE A 80 19.01 1.28 -14.17
CA PHE A 80 20.12 1.35 -15.14
C PHE A 80 20.57 -0.06 -15.58
N THR A 81 19.86 -1.08 -15.13
CA THR A 81 20.14 -2.49 -15.43
C THR A 81 19.05 -3.11 -16.38
N GLU A 82 19.21 -4.35 -16.81
N GLU A 82 19.27 -4.37 -16.75
CA GLU A 82 18.16 -4.98 -17.59
CA GLU A 82 18.36 -5.20 -17.57
C GLU A 82 17.25 -5.87 -16.71
C GLU A 82 17.25 -5.85 -16.72
N ALA A 83 17.27 -5.62 -15.40
CA ALA A 83 16.38 -6.28 -14.46
C ALA A 83 14.90 -5.98 -14.75
N LYS A 84 14.09 -7.03 -14.81
CA LYS A 84 12.67 -6.91 -15.20
C LYS A 84 11.74 -6.80 -14.00
N GLN A 85 10.57 -6.24 -14.23
CA GLN A 85 9.44 -6.33 -13.31
C GLN A 85 9.32 -7.74 -12.73
N SER A 86 9.28 -7.83 -11.41
CA SER A 86 9.39 -9.10 -10.74
C SER A 86 8.15 -9.52 -9.90
N ILE A 87 7.15 -8.64 -9.84
CA ILE A 87 5.86 -8.91 -9.17
C ILE A 87 4.71 -8.69 -10.16
N VAL A 88 3.78 -9.63 -10.24
CA VAL A 88 2.59 -9.44 -11.07
C VAL A 88 1.31 -9.62 -10.26
N LYS A 89 0.30 -8.81 -10.58
CA LYS A 89 -1.04 -8.98 -10.00
C LYS A 89 -1.60 -10.37 -10.33
N ILE A 90 -2.14 -11.05 -9.33
CA ILE A 90 -2.83 -12.32 -9.56
C ILE A 90 -4.27 -12.01 -9.96
N THR A 91 -4.72 -12.66 -11.03
CA THR A 91 -6.05 -12.52 -11.63
C THR A 91 -6.76 -13.89 -11.71
N ASN A 92 -8.02 -13.93 -12.02
CA ASN A 92 -8.73 -15.20 -12.22
C ASN A 92 -8.12 -16.03 -13.33
N GLU A 93 -7.81 -15.32 -14.38
CA GLU A 93 -7.11 -15.81 -15.56
C GLU A 93 -5.73 -16.45 -15.31
N ASN A 94 -4.90 -15.87 -14.43
CA ASN A 94 -3.49 -16.30 -14.35
C ASN A 94 -3.12 -17.14 -13.12
N GLU A 95 -4.09 -17.28 -12.21
CA GLU A 95 -3.95 -18.02 -10.97
C GLU A 95 -3.52 -19.45 -11.19
N LYS A 96 -3.98 -20.04 -12.28
CA LYS A 96 -3.64 -21.41 -12.63
C LYS A 96 -2.12 -21.59 -12.83
N TYR A 97 -1.37 -20.50 -12.93
CA TYR A 97 0.08 -20.61 -13.14
C TYR A 97 0.93 -20.51 -11.89
N ILE A 98 0.30 -20.23 -10.76
CA ILE A 98 0.96 -20.17 -9.47
C ILE A 98 1.65 -21.52 -9.17
N LYS A 99 2.92 -21.48 -8.91
CA LYS A 99 3.60 -22.56 -8.23
C LYS A 99 3.67 -22.37 -6.73
N THR A 100 3.76 -23.48 -5.99
CA THR A 100 3.93 -23.38 -4.53
C THR A 100 5.01 -24.34 -4.09
N GLY A 101 5.64 -24.05 -2.95
CA GLY A 101 6.72 -24.88 -2.39
C GLY A 101 7.44 -24.31 -1.17
N TYR A 102 8.28 -25.16 -0.56
CA TYR A 102 9.01 -24.85 0.64
C TYR A 102 10.42 -24.49 0.23
N ILE A 103 10.75 -23.20 0.32
CA ILE A 103 11.96 -22.62 -0.27
C ILE A 103 12.74 -21.89 0.81
N SER A 104 14.08 -22.04 0.87
CA SER A 104 14.97 -21.18 1.73
C SER A 104 15.56 -20.02 0.95
N ARG A 105 15.72 -18.88 1.62
CA ARG A 105 16.43 -17.73 1.03
C ARG A 105 17.93 -17.98 0.86
N ARG A 106 18.47 -18.87 1.68
CA ARG A 106 19.88 -19.22 1.73
C ARG A 106 20.03 -20.48 2.59
N ASP A 107 21.16 -21.19 2.47
CA ASP A 107 21.35 -22.50 3.13
C ASP A 107 21.14 -22.47 4.63
N GLU A 108 21.45 -21.34 5.25
CA GLU A 108 21.47 -21.25 6.71
C GLU A 108 20.06 -21.11 7.28
N GLU A 109 19.12 -20.76 6.42
CA GLU A 109 17.75 -20.51 6.85
C GLU A 109 16.87 -21.75 6.66
N ILE A 110 15.90 -21.93 7.55
CA ILE A 110 14.81 -22.86 7.31
C ILE A 110 13.98 -22.44 6.11
N PRO A 111 13.42 -23.42 5.40
CA PRO A 111 12.58 -23.15 4.24
C PRO A 111 11.20 -22.65 4.65
N VAL A 112 10.55 -21.90 3.77
CA VAL A 112 9.25 -21.31 4.07
C VAL A 112 8.27 -21.51 2.92
N LEU A 113 6.99 -21.67 3.26
CA LEU A 113 5.95 -21.88 2.24
C LEU A 113 5.80 -20.65 1.36
N SER A 114 5.98 -20.83 0.05
N SER A 114 5.96 -20.86 0.07
CA SER A 114 6.18 -19.72 -0.87
CA SER A 114 6.06 -19.75 -0.83
C SER A 114 5.50 -19.98 -2.20
C SER A 114 5.06 -19.95 -1.96
N ARG A 115 4.94 -18.92 -2.79
CA ARG A 115 4.25 -19.03 -4.06
C ARG A 115 4.76 -18.02 -5.09
N TRP A 116 4.74 -18.43 -6.35
CA TRP A 116 5.39 -17.63 -7.36
C TRP A 116 4.89 -18.04 -8.74
N PHE A 117 5.07 -17.13 -9.70
CA PHE A 117 4.97 -17.48 -11.10
C PHE A 117 6.33 -17.96 -11.64
N PRO A 118 6.35 -19.13 -12.30
CA PRO A 118 7.62 -19.63 -12.84
C PRO A 118 8.07 -18.82 -14.06
N LYS A 119 9.38 -18.76 -14.32
CA LYS A 119 9.92 -17.92 -15.42
C LYS A 119 9.38 -18.30 -16.81
N ASP A 120 8.92 -19.56 -16.88
N ASP A 120 8.93 -19.55 -16.94
CA ASP A 120 8.38 -20.19 -18.09
CA ASP A 120 8.39 -20.03 -18.19
C ASP A 120 6.90 -19.92 -18.37
C ASP A 120 6.96 -19.55 -18.44
N SER A 121 6.18 -19.45 -17.37
CA SER A 121 4.72 -19.22 -17.45
C SER A 121 4.29 -17.96 -18.19
N PRO A 122 3.10 -17.97 -18.82
CA PRO A 122 2.43 -16.84 -19.44
C PRO A 122 2.53 -15.46 -18.75
N PRO A 123 2.30 -15.36 -17.41
CA PRO A 123 2.40 -14.07 -16.74
C PRO A 123 3.80 -13.45 -16.73
N ALA A 124 4.81 -14.29 -16.89
CA ALA A 124 6.20 -13.85 -16.89
C ALA A 124 6.82 -13.62 -18.28
N SER A 125 6.14 -14.06 -19.34
CA SER A 125 6.69 -13.93 -20.72
C SER A 125 6.58 -12.49 -21.25
N GLN A 126 5.59 -11.77 -20.76
CA GLN A 126 5.35 -10.39 -21.14
C GLN A 126 6.43 -9.41 -20.62
N LEU A 127 6.95 -9.71 -19.43
CA LEU A 127 7.63 -8.69 -18.60
C LEU A 127 8.86 -8.13 -19.25
N ILE A 128 9.08 -6.83 -19.02
CA ILE A 128 10.23 -6.12 -19.55
C ILE A 128 10.99 -5.43 -18.40
N LYS A 129 12.09 -4.76 -18.76
CA LYS A 129 12.81 -3.91 -17.86
C LYS A 129 11.84 -3.06 -16.99
N SER A 130 12.02 -3.15 -15.66
CA SER A 130 11.33 -2.27 -14.70
C SER A 130 11.87 -0.81 -14.77
N LYS A 131 11.05 0.15 -14.35
CA LYS A 131 11.37 1.56 -14.49
C LYS A 131 12.36 1.97 -13.42
N TYR A 132 12.21 1.44 -12.22
CA TYR A 132 12.99 1.89 -11.06
C TYR A 132 13.63 0.71 -10.38
N LEU A 133 14.49 1.02 -9.42
CA LEU A 133 15.06 0.05 -8.51
C LEU A 133 14.82 0.55 -7.09
N ASP A 134 14.16 -0.27 -6.26
CA ASP A 134 14.10 0.02 -4.82
C ASP A 134 15.33 -0.65 -4.22
N ILE A 135 16.27 0.16 -3.75
CA ILE A 135 17.54 -0.26 -3.15
C ILE A 135 17.40 -0.19 -1.60
N ILE A 136 17.36 -1.37 -0.98
CA ILE A 136 17.05 -1.51 0.42
C ILE A 136 18.39 -1.56 1.14
N LEU A 137 18.52 -0.72 2.16
CA LEU A 137 19.77 -0.54 2.89
C LEU A 137 19.66 -0.94 4.35
N TYR A 138 20.62 -1.73 4.86
CA TYR A 138 20.74 -1.91 6.31
C TYR A 138 21.97 -1.16 6.86
N SER A 139 21.86 -0.68 8.09
CA SER A 139 22.98 -0.04 8.73
C SER A 139 24.08 -1.06 8.91
N LYS A 140 25.33 -0.56 8.90
CA LYS A 140 26.50 -1.30 9.34
C LYS A 140 26.24 -2.07 10.63
N GLU A 141 25.72 -1.38 11.64
N GLU A 141 25.71 -1.36 11.64
CA GLU A 141 25.41 -1.98 12.93
CA GLU A 141 25.36 -1.94 12.94
C GLU A 141 24.47 -3.21 12.80
C GLU A 141 24.49 -3.19 12.79
N GLN A 142 23.36 -3.05 12.09
CA GLN A 142 22.38 -4.15 11.93
C GLN A 142 23.01 -5.30 11.18
N CYS A 143 23.80 -4.99 10.16
CA CYS A 143 24.47 -6.04 9.42
C CYS A 143 25.41 -6.89 10.30
N GLU A 144 26.18 -6.21 11.16
CA GLU A 144 27.05 -6.85 12.14
C GLU A 144 26.27 -7.63 13.16
N LYS A 145 25.19 -7.03 13.65
CA LYS A 145 24.31 -7.67 14.62
C LYS A 145 23.86 -9.04 14.14
N GLU A 146 23.31 -9.12 12.92
CA GLU A 146 22.80 -10.38 12.36
C GLU A 146 23.94 -11.38 12.03
N SER A 147 25.07 -10.86 11.54
CA SER A 147 26.27 -11.64 11.25
C SER A 147 26.93 -12.29 12.48
N SER A 148 26.66 -11.73 13.65
CA SER A 148 27.12 -12.35 14.90
C SER A 148 26.04 -13.26 15.49
N ILE A 149 25.20 -13.81 14.62
CA ILE A 149 24.19 -14.78 15.04
C ILE A 149 24.12 -15.95 14.08
N MSE A 150 24.53 -15.71 12.83
CA MSE A 150 24.29 -16.66 11.75
C MSE A 150 25.56 -16.93 10.97
O MSE A 150 25.92 -18.09 10.72
CB MSE A 150 23.19 -16.15 10.81
CG MSE A 150 22.68 -17.20 9.83
SE MSE A 150 20.74 -17.11 9.59
CE MSE A 150 20.26 -18.80 10.43
N ASN A 151 26.25 -15.87 10.58
CA ASN A 151 27.71 -15.85 10.57
C ASN A 151 28.30 -16.66 9.42
N CYS A 152 28.34 -16.07 8.23
CA CYS A 152 28.25 -16.82 7.00
C CYS A 152 29.59 -16.87 6.27
N CYS A 153 30.55 -16.11 6.78
CA CYS A 153 31.92 -16.16 6.28
C CYS A 153 31.98 -15.70 4.82
N LEU A 154 30.85 -15.19 4.33
CA LEU A 154 30.84 -14.49 3.04
C LEU A 154 31.32 -13.07 3.13
N GLN A 155 31.88 -12.55 2.06
CA GLN A 155 32.52 -11.25 2.06
C GLN A 155 31.62 -10.26 1.29
N ASP A 156 31.50 -9.09 1.84
CA ASP A 156 30.75 -8.03 1.28
C ASP A 156 31.52 -7.44 0.14
N ILE A 157 30.86 -6.69 -0.70
CA ILE A 157 31.49 -6.07 -1.83
C ILE A 157 31.60 -4.56 -1.62
N LEU A 158 32.81 -4.08 -1.56
CA LEU A 158 33.09 -2.68 -1.24
C LEU A 158 33.55 -1.91 -2.47
N ASP A 159 33.10 -0.66 -2.54
CA ASP A 159 33.55 0.31 -3.52
C ASP A 159 34.98 0.68 -3.13
N ASP A 160 35.84 0.77 -4.12
CA ASP A 160 37.23 1.16 -3.89
C ASP A 160 37.30 2.58 -3.28
N ARG A 161 36.26 3.38 -3.56
CA ARG A 161 36.11 4.71 -2.98
C ARG A 161 35.59 4.75 -1.52
N GLU A 162 35.10 3.62 -1.01
CA GLU A 162 34.54 3.59 0.34
C GLU A 162 34.72 2.26 1.05
N LYS A 163 35.77 2.23 1.86
N LYS A 163 35.80 2.23 1.83
CA LYS A 163 36.21 1.04 2.56
CA LYS A 163 36.26 1.09 2.59
C LYS A 163 35.45 0.77 3.86
C LYS A 163 35.36 0.75 3.77
N ASN A 164 34.72 1.78 4.36
CA ASN A 164 33.92 1.64 5.61
C ASN A 164 32.56 2.35 5.57
N PRO A 165 31.66 1.86 4.69
CA PRO A 165 30.35 2.48 4.47
C PRO A 165 29.46 2.39 5.69
N ASP A 166 28.54 3.36 5.87
CA ASP A 166 27.66 3.35 7.05
C ASP A 166 26.44 2.48 6.81
N TRP A 167 26.13 2.29 5.52
CA TRP A 167 24.93 1.57 5.00
C TRP A 167 25.34 0.59 3.93
N TYR A 168 24.68 -0.56 3.92
CA TYR A 168 24.89 -1.63 2.93
C TYR A 168 23.63 -1.99 2.19
N ILE A 169 23.79 -2.35 0.92
CA ILE A 169 22.65 -2.83 0.12
C ILE A 169 22.38 -4.28 0.51
N ILE A 170 21.20 -4.56 1.03
CA ILE A 170 20.83 -5.95 1.33
C ILE A 170 19.87 -6.59 0.31
N SER A 171 19.16 -5.73 -0.42
CA SER A 171 18.13 -6.17 -1.33
C SER A 171 17.90 -5.13 -2.42
N ILE A 172 17.49 -5.61 -3.58
CA ILE A 172 17.22 -4.77 -4.72
C ILE A 172 15.87 -5.21 -5.30
N LYS A 173 14.88 -4.31 -5.35
CA LYS A 173 13.60 -4.65 -6.00
C LYS A 173 13.46 -3.89 -7.28
N ALA A 174 13.26 -4.63 -8.36
CA ALA A 174 13.08 -4.13 -9.73
C ALA A 174 11.57 -3.93 -9.97
N GLN A 175 11.17 -2.65 -9.97
CA GLN A 175 9.76 -2.32 -9.92
C GLN A 175 9.39 -1.03 -10.67
N ASN A 176 8.11 -0.85 -10.92
CA ASN A 176 7.61 0.27 -11.71
C ASN A 176 7.07 1.39 -10.87
N GLU A 177 7.01 1.12 -9.55
CA GLU A 177 6.67 2.05 -8.50
C GLU A 177 7.93 2.75 -7.97
N SER A 178 7.90 4.08 -7.75
CA SER A 178 9.00 4.73 -6.98
C SER A 178 8.63 4.99 -5.53
N PHE A 179 8.07 3.95 -4.92
CA PHE A 179 7.72 3.96 -3.49
C PHE A 179 7.86 2.53 -2.93
N GLU A 180 7.96 2.39 -1.62
CA GLU A 180 8.08 1.08 -1.02
C GLU A 180 6.84 0.18 -1.19
N VAL A 181 7.04 -1.01 -1.76
CA VAL A 181 5.99 -2.05 -1.88
C VAL A 181 6.08 -2.89 -0.57
N PRO A 182 4.93 -3.29 0.01
CA PRO A 182 5.10 -4.05 1.28
C PRO A 182 5.84 -5.38 1.18
N MSE A 183 6.58 -5.70 2.23
CA MSE A 183 7.32 -6.95 2.25
C MSE A 183 6.33 -8.10 2.40
O MSE A 183 5.21 -7.90 2.83
CB MSE A 183 8.37 -6.94 3.36
CG MSE A 183 7.91 -6.55 4.75
SE MSE A 183 9.40 -6.33 6.11
CE MSE A 183 8.62 -4.54 6.63
N GLU A 184 6.72 -9.29 1.98
CA GLU A 184 5.89 -10.46 2.10
C GLU A 184 5.55 -10.78 3.56
N PRO A 185 4.35 -11.32 3.81
CA PRO A 185 3.99 -11.60 5.18
C PRO A 185 4.88 -12.56 5.95
N ILE A 186 5.43 -13.59 5.30
N ILE A 186 5.42 -13.58 5.28
CA ILE A 186 6.41 -14.47 5.93
CA ILE A 186 6.41 -14.49 5.87
C ILE A 186 7.72 -13.79 6.32
C ILE A 186 7.68 -13.76 6.33
N THR A 187 8.13 -12.79 5.53
CA THR A 187 9.30 -11.95 5.85
C THR A 187 9.09 -11.29 7.20
N ILE A 188 7.95 -10.64 7.35
CA ILE A 188 7.51 -10.06 8.62
C ILE A 188 7.52 -11.06 9.78
N LEU A 189 6.97 -12.24 9.55
CA LEU A 189 6.93 -13.30 10.57
C LEU A 189 8.33 -13.78 10.99
N ARG A 190 9.20 -14.00 10.00
CA ARG A 190 10.60 -14.40 10.22
C ARG A 190 11.41 -13.31 10.94
N ASN A 191 11.07 -12.04 10.73
CA ASN A 191 11.81 -10.93 11.34
C ASN A 191 11.67 -10.92 12.84
N THR A 192 10.70 -11.71 13.32
CA THR A 192 10.44 -11.96 14.73
C THR A 192 11.51 -12.89 15.39
N LEU A 193 12.35 -13.52 14.56
CA LEU A 193 13.29 -14.53 15.00
C LEU A 193 14.63 -14.23 14.41
N ILE A 194 15.38 -13.43 15.13
CA ILE A 194 16.75 -13.19 14.78
C ILE A 194 17.63 -14.42 14.52
N GLU A 195 17.38 -15.50 15.26
CA GLU A 195 18.19 -16.71 15.15
C GLU A 195 17.97 -17.38 13.80
N GLU A 196 16.84 -17.10 13.17
CA GLU A 196 16.34 -17.91 12.07
C GLU A 196 16.28 -17.13 10.77
N GLY A 197 17.24 -16.22 10.59
CA GLY A 197 17.06 -14.83 10.98
C GLY A 197 16.68 -13.96 9.80
N GLY A 198 15.66 -13.13 10.00
CA GLY A 198 15.48 -12.42 11.25
C GLY A 198 16.32 -11.15 11.32
N SER A 199 15.67 -10.01 11.09
CA SER A 199 16.23 -8.73 11.51
C SER A 199 16.08 -8.53 13.01
N GLY A 200 15.11 -9.22 13.60
CA GLY A 200 14.83 -9.07 14.99
C GLY A 200 13.79 -8.05 15.42
N VAL A 201 12.77 -7.76 14.61
CA VAL A 201 11.73 -6.80 14.99
C VAL A 201 10.39 -7.49 15.34
N PRO A 202 9.71 -7.05 16.44
CA PRO A 202 8.47 -7.65 16.91
C PRO A 202 7.41 -7.48 15.84
N LEU A 203 6.46 -8.41 15.78
CA LEU A 203 5.41 -8.30 14.80
C LEU A 203 4.47 -7.15 15.15
N LYS A 204 4.23 -6.30 14.17
CA LYS A 204 3.21 -5.24 14.27
C LYS A 204 2.06 -5.67 13.38
N ARG A 205 0.96 -6.02 14.03
CA ARG A 205 -0.25 -6.53 13.40
C ARG A 205 -0.73 -5.69 12.18
N GLU A 206 -0.75 -4.37 12.35
CA GLU A 206 -1.18 -3.45 11.31
C GLU A 206 -0.31 -3.48 10.04
N LYS A 207 1.01 -3.60 10.19
CA LYS A 207 1.93 -3.76 9.09
C LYS A 207 1.71 -5.11 8.42
N TYR A 208 1.61 -6.16 9.24
CA TYR A 208 1.33 -7.51 8.73
C TYR A 208 0.05 -7.51 7.89
N LEU A 209 -1.02 -6.88 8.38
CA LEU A 209 -2.28 -6.88 7.66
C LEU A 209 -2.28 -6.07 6.38
N GLU A 210 -1.55 -4.95 6.35
CA GLU A 210 -1.26 -4.21 5.10
C GLU A 210 -0.54 -5.10 4.08
N SER A 211 0.51 -5.79 4.53
CA SER A 211 1.28 -6.72 3.72
C SER A 211 0.40 -7.79 3.09
N VAL A 212 -0.46 -8.40 3.90
CA VAL A 212 -1.43 -9.44 3.45
C VAL A 212 -2.42 -8.88 2.41
N GLU A 213 -2.99 -7.70 2.67
CA GLU A 213 -3.84 -7.11 1.66
C GLU A 213 -3.15 -6.90 0.27
N PHE A 214 -1.87 -6.56 0.24
CA PHE A 214 -1.08 -6.55 -1.01
C PHE A 214 -0.80 -7.94 -1.59
N TRP A 215 -0.30 -8.85 -0.74
CA TRP A 215 0.21 -10.14 -1.23
C TRP A 215 -0.89 -11.23 -1.53
N LYS A 216 -2.13 -10.94 -1.15
N LYS A 216 -2.12 -10.95 -1.14
CA LYS A 216 -3.28 -11.79 -1.55
CA LYS A 216 -3.28 -11.77 -1.54
C LYS A 216 -3.50 -11.72 -3.07
C LYS A 216 -3.52 -11.71 -3.05
N GLU A 217 -3.05 -10.63 -3.67
CA GLU A 217 -3.34 -10.43 -5.04
C GLU A 217 -2.12 -10.17 -5.86
N HIS A 218 -0.95 -10.57 -5.37
CA HIS A 218 0.31 -10.40 -6.12
C HIS A 218 1.16 -11.58 -5.91
N ALA A 219 1.98 -11.90 -6.93
CA ALA A 219 3.04 -12.90 -6.74
C ALA A 219 4.35 -12.49 -7.36
N ILE A 220 5.43 -12.92 -6.73
CA ILE A 220 6.77 -12.84 -7.24
C ILE A 220 6.90 -13.67 -8.53
N VAL A 221 7.71 -13.18 -9.45
CA VAL A 221 8.02 -13.91 -10.69
C VAL A 221 9.41 -14.45 -10.54
N SER A 222 9.56 -15.75 -10.74
CA SER A 222 10.82 -16.41 -10.49
C SER A 222 11.81 -16.13 -11.57
N SER A 223 13.06 -16.10 -11.14
CA SER A 223 14.22 -16.34 -11.98
C SER A 223 14.84 -15.04 -12.51
N SER B 19 -2.05 6.62 30.79
CA SER B 19 -2.45 7.16 29.46
C SER B 19 -3.60 8.14 29.65
N LYS B 20 -3.47 9.35 29.09
CA LYS B 20 -4.58 10.30 29.16
C LYS B 20 -5.68 9.97 28.17
N LEU B 21 -6.89 10.36 28.54
CA LEU B 21 -8.00 10.42 27.62
C LEU B 21 -7.78 11.35 26.47
N LEU B 22 -8.61 11.19 25.47
CA LEU B 22 -8.50 12.00 24.26
C LEU B 22 -9.35 13.25 24.33
N GLY B 23 -9.06 14.22 23.47
CA GLY B 23 -10.00 15.30 23.18
C GLY B 23 -10.38 15.28 21.71
N VAL B 24 -11.18 16.26 21.31
CA VAL B 24 -11.55 16.42 19.91
C VAL B 24 -11.14 17.82 19.47
N ASN B 25 -10.31 17.90 18.46
CA ASN B 25 -9.97 19.16 17.83
C ASN B 25 -11.18 19.69 17.00
N SER B 26 -11.36 21.00 16.98
CA SER B 26 -12.40 21.63 16.18
C SER B 26 -12.47 21.15 14.74
N PHE B 27 -11.33 20.79 14.14
CA PHE B 27 -11.28 20.32 12.75
C PHE B 27 -12.26 19.19 12.53
N ALA B 28 -12.35 18.25 13.49
CA ALA B 28 -13.18 17.07 13.39
C ALA B 28 -14.70 17.29 13.51
N LEU B 29 -15.10 18.49 13.89
CA LEU B 29 -16.52 18.79 14.15
C LEU B 29 -17.31 18.77 12.86
N ARG B 30 -16.63 19.13 11.77
CA ARG B 30 -17.10 19.02 10.36
C ARG B 30 -17.69 17.63 9.98
N GLN B 31 -17.24 16.58 10.66
CA GLN B 31 -17.68 15.23 10.34
C GLN B 31 -19.04 14.86 10.89
N PHE B 32 -19.63 15.75 11.63
CA PHE B 32 -20.84 15.48 12.33
C PHE B 32 -21.97 16.27 11.68
N VAL B 33 -21.66 16.89 10.56
CA VAL B 33 -22.67 17.47 9.69
C VAL B 33 -22.87 16.69 8.41
N GLU B 34 -24.08 16.22 8.19
CA GLU B 34 -24.52 15.78 6.89
C GLU B 34 -24.17 16.60 5.67
N GLY B 35 -23.63 15.91 4.69
CA GLY B 35 -22.92 16.50 3.61
C GLY B 35 -21.43 16.41 3.61
N TYR B 36 -20.85 15.89 4.68
CA TYR B 36 -19.41 15.86 4.83
C TYR B 36 -18.91 14.98 3.70
N ARG B 37 -17.87 15.41 3.04
CA ARG B 37 -17.26 14.64 2.00
C ARG B 37 -16.26 13.65 2.53
N GLY B 38 -16.81 12.55 2.98
CA GLY B 38 -16.07 11.46 3.58
C GLY B 38 -16.93 10.85 4.67
N SER B 39 -16.29 10.41 5.75
CA SER B 39 -16.94 9.65 6.83
C SER B 39 -17.83 10.54 7.72
N TYR B 40 -19.12 10.50 7.44
CA TYR B 40 -20.11 11.22 8.19
C TYR B 40 -20.48 10.36 9.39
N ILE B 41 -20.38 10.92 10.60
N ILE B 41 -20.39 10.93 10.59
CA ILE B 41 -20.80 10.22 11.82
CA ILE B 41 -20.76 10.25 11.84
C ILE B 41 -22.18 10.76 12.20
C ILE B 41 -22.16 10.75 12.24
N PRO B 42 -23.20 9.91 12.08
CA PRO B 42 -24.61 10.31 12.22
C PRO B 42 -25.12 10.05 13.65
N ARG B 43 -26.35 10.49 13.99
N ARG B 43 -26.32 10.55 13.99
CA ARG B 43 -27.05 10.08 15.24
CA ARG B 43 -27.05 10.12 15.19
C ARG B 43 -26.50 10.63 16.55
C ARG B 43 -26.45 10.56 16.54
N MSE B 44 -25.35 11.32 16.52
CA MSE B 44 -24.61 11.61 17.73
C MSE B 44 -23.88 12.94 17.76
O MSE B 44 -23.39 13.42 16.71
CB MSE B 44 -23.49 10.61 17.85
CG MSE B 44 -23.15 10.19 19.19
SE MSE B 44 -21.73 8.87 18.77
CE MSE B 44 -22.80 7.35 17.94
N SER B 45 -23.74 13.50 18.94
CA SER B 45 -22.84 14.66 19.10
C SER B 45 -21.35 14.25 19.16
N PRO B 46 -20.47 15.20 18.81
CA PRO B 46 -19.03 14.92 18.93
C PRO B 46 -18.64 14.56 20.37
N TYR B 47 -19.29 15.19 21.38
CA TYR B 47 -19.08 14.88 22.79
C TYR B 47 -19.41 13.43 23.14
N GLU B 48 -20.60 12.99 22.71
CA GLU B 48 -21.07 11.62 22.89
C GLU B 48 -20.15 10.64 22.18
N PHE B 49 -19.74 10.98 20.96
CA PHE B 49 -18.70 10.25 20.28
C PHE B 49 -17.41 10.11 21.12
N LEU B 50 -16.88 11.20 21.66
CA LEU B 50 -15.64 11.22 22.49
C LEU B 50 -15.81 10.43 23.77
N ARG B 51 -16.97 10.61 24.45
CA ARG B 51 -17.37 9.79 25.60
C ARG B 51 -17.21 8.28 25.32
N ASN B 52 -17.70 7.80 24.17
CA ASN B 52 -17.62 6.37 23.77
C ASN B 52 -16.20 5.93 23.37
N VAL B 53 -15.45 6.78 22.70
CA VAL B 53 -14.06 6.45 22.36
C VAL B 53 -13.20 6.34 23.62
N ASN B 54 -13.36 7.27 24.55
CA ASN B 54 -12.55 7.25 25.75
C ASN B 54 -12.90 6.06 26.67
N ASN B 55 -14.15 5.66 26.67
CA ASN B 55 -14.61 4.51 27.40
C ASN B 55 -14.06 3.22 26.78
N TYR B 56 -14.03 3.13 25.45
CA TYR B 56 -13.30 2.07 24.70
C TYR B 56 -11.81 1.97 25.04
N ILE B 57 -11.09 3.11 25.09
CA ILE B 57 -9.69 3.19 25.55
C ILE B 57 -9.53 2.62 27.00
N ILE B 58 -10.34 3.10 27.92
CA ILE B 58 -10.38 2.62 29.34
C ILE B 58 -10.53 1.10 29.43
N GLU B 59 -11.51 0.60 28.70
CA GLU B 59 -11.90 -0.82 28.72
C GLU B 59 -11.03 -1.77 27.91
N ASN B 60 -10.42 -1.29 26.83
CA ASN B 60 -9.72 -2.14 25.88
C ASN B 60 -8.25 -1.86 25.67
N ASN B 61 -7.82 -0.67 26.10
N ASN B 61 -7.84 -0.62 25.94
CA ASN B 61 -6.50 -0.09 25.82
CA ASN B 61 -6.44 -0.24 25.83
C ASN B 61 -5.90 -0.53 24.49
C ASN B 61 -5.86 -0.57 24.46
N PRO B 62 -6.39 0.06 23.40
CA PRO B 62 -5.87 -0.27 22.08
C PRO B 62 -4.48 0.27 21.79
N THR B 63 -3.84 -0.34 20.80
CA THR B 63 -2.50 0.01 20.46
C THR B 63 -2.52 1.37 19.75
N LEU B 64 -1.74 2.28 20.26
CA LEU B 64 -1.30 3.44 19.55
C LEU B 64 -0.44 3.15 18.35
N VAL B 65 -0.93 3.45 17.18
CA VAL B 65 -0.20 3.18 15.96
C VAL B 65 0.37 4.47 15.43
N ASP B 66 1.67 4.49 15.13
CA ASP B 66 2.25 5.70 14.56
C ASP B 66 1.76 6.02 13.12
N GLY B 67 1.55 7.30 12.86
CA GLY B 67 1.14 7.75 11.54
C GLY B 67 2.28 8.30 10.71
N TYR B 68 1.96 9.13 9.74
CA TYR B 68 2.95 9.64 8.82
C TYR B 68 4.06 10.57 9.40
N ALA B 69 3.90 11.07 10.62
CA ALA B 69 4.88 11.97 11.26
C ALA B 69 4.84 11.71 12.77
N ASP B 70 5.85 12.22 13.52
CA ASP B 70 5.93 12.10 15.00
C ASP B 70 4.73 12.60 15.79
N PHE B 71 4.00 13.57 15.23
CA PHE B 71 2.87 14.24 15.89
C PHE B 71 1.49 13.58 15.58
N CYS B 72 1.54 12.48 14.84
CA CYS B 72 0.33 11.89 14.32
C CYS B 72 0.28 10.42 14.72
N LYS B 73 -0.79 10.02 15.42
CA LYS B 73 -1.01 8.62 15.77
C LYS B 73 -2.37 8.15 15.29
N HIS B 74 -2.62 6.84 15.38
CA HIS B 74 -3.91 6.26 15.02
C HIS B 74 -4.31 5.26 16.08
N ILE B 75 -5.62 5.20 16.33
N ILE B 75 -5.61 5.20 16.38
CA ILE B 75 -6.18 4.03 16.96
CA ILE B 75 -6.15 4.00 16.98
C ILE B 75 -7.27 3.44 16.06
C ILE B 75 -7.28 3.43 16.11
N PHE B 76 -7.33 2.10 16.01
CA PHE B 76 -8.30 1.40 15.14
C PHE B 76 -9.32 0.72 16.05
N ILE B 77 -10.59 1.01 15.82
CA ILE B 77 -11.62 0.64 16.76
C ILE B 77 -12.84 0.09 16.06
N PRO B 78 -13.47 -0.97 16.63
CA PRO B 78 -14.76 -1.44 16.13
C PRO B 78 -15.70 -0.25 15.98
N ASN B 79 -16.36 -0.17 14.82
CA ASN B 79 -17.30 0.89 14.56
C ASN B 79 -18.57 0.79 15.46
N PHE B 80 -18.71 1.68 16.43
CA PHE B 80 -19.90 1.66 17.32
C PHE B 80 -20.96 2.63 16.84
N THR B 81 -20.69 3.36 15.76
CA THR B 81 -21.69 4.28 15.18
C THR B 81 -22.31 3.67 13.91
N GLU B 82 -23.25 4.40 13.32
CA GLU B 82 -23.86 3.98 12.04
C GLU B 82 -23.04 4.44 10.81
N ALA B 83 -21.91 5.11 11.05
CA ALA B 83 -21.04 5.63 10.00
C ALA B 83 -20.71 4.58 8.93
N LYS B 84 -20.96 4.93 7.66
CA LYS B 84 -20.85 3.96 6.55
C LYS B 84 -19.49 4.01 5.88
N GLN B 85 -19.17 2.93 5.18
CA GLN B 85 -18.03 2.88 4.28
C GLN B 85 -17.99 4.14 3.40
N SER B 86 -16.88 4.84 3.40
CA SER B 86 -16.82 6.13 2.75
C SER B 86 -15.83 6.23 1.57
N ILE B 87 -15.14 5.12 1.28
CA ILE B 87 -14.27 4.97 0.10
C ILE B 87 -14.63 3.82 -0.77
N VAL B 88 -14.83 4.07 -2.03
CA VAL B 88 -15.15 3.04 -2.98
C VAL B 88 -14.04 2.87 -4.03
N LYS B 89 -13.69 1.67 -4.42
CA LYS B 89 -12.86 1.41 -5.61
C LYS B 89 -13.45 1.88 -6.97
N ILE B 90 -12.69 2.61 -7.79
CA ILE B 90 -13.17 3.11 -9.09
C ILE B 90 -13.03 1.98 -10.12
N THR B 91 -14.05 1.78 -10.95
CA THR B 91 -14.07 0.71 -11.95
C THR B 91 -14.47 1.28 -13.28
N ASN B 92 -14.41 0.45 -14.32
CA ASN B 92 -14.82 0.85 -15.67
C ASN B 92 -16.30 1.27 -15.75
N GLU B 93 -17.18 0.63 -15.00
N GLU B 93 -17.14 0.62 -14.95
CA GLU B 93 -18.60 1.00 -15.07
CA GLU B 93 -18.59 0.84 -14.94
C GLU B 93 -19.15 1.93 -13.97
C GLU B 93 -19.21 1.52 -13.68
N ASN B 94 -18.37 2.23 -12.93
CA ASN B 94 -18.82 3.26 -11.95
C ASN B 94 -18.17 4.64 -12.16
N GLU B 95 -17.18 4.67 -13.05
CA GLU B 95 -16.38 5.83 -13.43
C GLU B 95 -17.25 7.03 -13.86
N LYS B 96 -18.35 6.73 -14.56
CA LYS B 96 -19.30 7.73 -15.05
C LYS B 96 -20.03 8.49 -13.94
N TYR B 97 -19.91 8.00 -12.72
CA TYR B 97 -20.63 8.56 -11.60
C TYR B 97 -19.78 9.55 -10.82
N ILE B 98 -18.50 9.66 -11.18
CA ILE B 98 -17.56 10.58 -10.53
C ILE B 98 -18.00 12.04 -10.74
N LYS B 99 -18.10 12.81 -9.65
CA LYS B 99 -18.27 14.28 -9.73
C LYS B 99 -16.93 14.94 -9.41
N THR B 100 -16.64 16.06 -10.06
CA THR B 100 -15.39 16.84 -9.81
C THR B 100 -15.75 18.28 -9.43
N GLY B 101 -14.83 18.99 -8.77
CA GLY B 101 -14.97 20.43 -8.44
C GLY B 101 -13.95 20.96 -7.44
N TYR B 102 -13.90 22.29 -7.30
CA TYR B 102 -13.01 23.00 -6.36
C TYR B 102 -13.69 23.25 -5.05
N ILE B 103 -13.24 22.56 -4.01
CA ILE B 103 -13.92 22.47 -2.71
C ILE B 103 -12.90 22.73 -1.62
N SER B 104 -13.28 23.54 -0.63
CA SER B 104 -12.41 23.77 0.53
C SER B 104 -12.81 22.92 1.70
N ARG B 105 -11.83 22.43 2.46
CA ARG B 105 -12.10 21.68 3.68
C ARG B 105 -12.71 22.59 4.75
N ARG B 106 -12.36 23.86 4.72
CA ARG B 106 -12.97 24.85 5.59
C ARG B 106 -12.79 26.26 5.05
N ASP B 107 -13.56 27.20 5.59
CA ASP B 107 -13.57 28.56 5.07
C ASP B 107 -12.18 29.19 5.13
N GLU B 108 -11.41 28.83 6.14
CA GLU B 108 -10.01 29.24 6.23
C GLU B 108 -9.02 28.70 5.16
N GLU B 109 -9.45 27.71 4.40
CA GLU B 109 -8.69 27.11 3.35
C GLU B 109 -9.11 27.53 1.94
N ILE B 110 -8.13 27.71 1.08
CA ILE B 110 -8.37 27.61 -0.35
C ILE B 110 -9.03 26.34 -0.81
N PRO B 111 -9.95 26.44 -1.74
CA PRO B 111 -10.52 25.27 -2.38
C PRO B 111 -9.58 24.49 -3.32
N VAL B 112 -9.77 23.20 -3.48
CA VAL B 112 -8.87 22.37 -4.26
C VAL B 112 -9.64 21.43 -5.14
N LEU B 113 -9.09 21.00 -6.25
CA LEU B 113 -9.79 20.10 -7.11
C LEU B 113 -10.03 18.72 -6.52
N SER B 114 -11.26 18.29 -6.52
CA SER B 114 -11.55 17.05 -5.97
C SER B 114 -12.45 16.30 -6.87
N ARG B 115 -12.41 15.01 -6.69
CA ARG B 115 -13.37 14.09 -7.22
C ARG B 115 -14.02 13.25 -6.14
N TRP B 116 -15.25 12.84 -6.38
CA TRP B 116 -16.03 12.08 -5.43
C TRP B 116 -17.25 11.37 -6.07
N PHE B 117 -17.77 10.37 -5.38
CA PHE B 117 -19.06 9.80 -5.75
C PHE B 117 -20.15 10.54 -4.93
N PRO B 118 -21.14 11.16 -5.59
CA PRO B 118 -22.27 11.78 -4.90
C PRO B 118 -23.11 10.79 -4.08
N LYS B 119 -23.73 11.28 -3.00
CA LYS B 119 -24.55 10.45 -2.12
C LYS B 119 -25.63 9.61 -2.83
N ASP B 120 -26.18 10.09 -3.95
CA ASP B 120 -27.28 9.39 -4.61
C ASP B 120 -26.77 8.35 -5.64
N SER B 121 -25.57 8.56 -6.13
CA SER B 121 -25.05 7.74 -7.22
C SER B 121 -25.20 6.25 -6.88
N PRO B 122 -25.22 5.38 -7.91
CA PRO B 122 -25.27 3.92 -7.66
C PRO B 122 -24.11 3.27 -6.87
N PRO B 123 -22.84 3.79 -6.97
CA PRO B 123 -21.78 3.28 -6.07
C PRO B 123 -21.98 3.58 -4.58
N ALA B 124 -22.81 4.56 -4.25
CA ALA B 124 -23.06 4.97 -2.88
C ALA B 124 -24.34 4.35 -2.26
N SER B 125 -25.23 3.85 -3.10
CA SER B 125 -26.54 3.33 -2.65
C SER B 125 -26.45 2.02 -1.86
N GLN B 126 -25.44 1.22 -2.17
CA GLN B 126 -25.23 -0.10 -1.58
C GLN B 126 -24.54 -0.03 -0.20
N LEU B 127 -23.67 0.95 0.00
CA LEU B 127 -22.85 1.01 1.21
C LEU B 127 -23.62 0.93 2.54
N ILE B 128 -22.99 0.26 3.50
CA ILE B 128 -23.52 0.11 4.85
C ILE B 128 -22.46 0.56 5.90
N LYS B 129 -22.85 0.48 7.16
CA LYS B 129 -21.96 0.59 8.29
C LYS B 129 -20.59 -0.06 8.04
N SER B 130 -19.52 0.70 8.27
CA SER B 130 -18.16 0.17 8.19
C SER B 130 -17.82 -0.64 9.42
N LYS B 131 -16.84 -1.53 9.30
CA LYS B 131 -16.42 -2.43 10.38
C LYS B 131 -15.63 -1.71 11.46
N TYR B 132 -14.80 -0.77 11.05
CA TYR B 132 -13.90 -0.10 11.95
C TYR B 132 -14.03 1.40 11.79
N LEU B 133 -13.42 2.10 12.73
CA LEU B 133 -13.13 3.52 12.66
C LEU B 133 -11.59 3.58 12.77
N ASP B 134 -10.95 4.34 11.86
CA ASP B 134 -9.56 4.75 12.02
C ASP B 134 -9.70 6.13 12.62
N ILE B 135 -9.24 6.29 13.86
CA ILE B 135 -9.28 7.55 14.56
C ILE B 135 -7.88 8.12 14.50
N ILE B 136 -7.77 9.26 13.86
CA ILE B 136 -6.49 9.95 13.63
C ILE B 136 -6.29 11.04 14.66
N LEU B 137 -5.16 10.99 15.35
CA LEU B 137 -4.84 11.90 16.45
C LEU B 137 -3.66 12.74 16.14
N TYR B 138 -3.71 14.00 16.51
CA TYR B 138 -2.54 14.87 16.52
C TYR B 138 -2.18 15.26 17.95
N SER B 139 -0.89 15.44 18.19
CA SER B 139 -0.37 15.90 19.45
C SER B 139 -0.89 17.28 19.78
N LYS B 140 -1.15 17.50 21.07
CA LYS B 140 -1.58 18.82 21.52
C LYS B 140 -0.62 19.89 20.98
N GLU B 141 0.63 19.50 20.77
CA GLU B 141 1.66 20.43 20.34
C GLU B 141 1.60 20.78 18.85
N GLN B 142 1.37 19.78 18.00
CA GLN B 142 0.99 20.04 16.61
C GLN B 142 -0.28 20.88 16.45
N CYS B 143 -1.32 20.64 17.25
CA CYS B 143 -2.55 21.40 17.16
C CYS B 143 -2.32 22.88 17.51
N GLU B 144 -1.57 23.14 18.58
CA GLU B 144 -1.23 24.52 19.03
C GLU B 144 -0.43 25.22 17.94
N LYS B 145 0.49 24.46 17.35
CA LYS B 145 1.36 24.94 16.27
C LYS B 145 0.57 25.46 15.06
N GLU B 146 -0.41 24.71 14.60
CA GLU B 146 -1.26 25.15 13.48
C GLU B 146 -2.18 26.29 13.84
N SER B 147 -2.61 26.34 15.12
CA SER B 147 -3.59 27.32 15.60
C SER B 147 -2.93 28.69 15.66
N SER B 148 -1.65 28.64 15.94
CA SER B 148 -0.82 29.81 16.07
C SER B 148 -0.52 30.42 14.72
N ILE B 149 -0.63 29.63 13.65
CA ILE B 149 -0.35 30.08 12.27
C ILE B 149 -1.64 30.47 11.49
N MSE B 150 -2.71 29.71 11.66
CA MSE B 150 -4.00 29.98 11.05
C MSE B 150 -4.82 31.02 11.83
O MSE B 150 -5.70 31.67 11.27
CB MSE B 150 -4.76 28.65 10.91
CG MSE B 150 -3.98 27.59 10.12
SE MSE B 150 -3.51 28.34 8.38
CE MSE B 150 -5.34 28.32 7.56
N ASN B 151 -4.49 31.16 13.12
CA ASN B 151 -5.14 32.12 14.05
C ASN B 151 -6.60 31.86 14.19
N CYS B 152 -6.82 30.71 14.76
CA CYS B 152 -8.11 30.17 14.67
C CYS B 152 -8.53 30.03 16.12
N CYS B 153 -9.80 30.36 16.36
CA CYS B 153 -10.36 30.23 17.71
C CYS B 153 -11.72 29.54 17.74
N LEU B 154 -11.57 28.26 17.43
CA LEU B 154 -12.60 27.27 17.37
C LEU B 154 -12.47 26.55 18.72
N GLN B 155 -13.60 26.23 19.34
CA GLN B 155 -13.64 25.41 20.55
C GLN B 155 -13.34 23.93 20.24
N ASP B 156 -12.42 23.36 20.98
CA ASP B 156 -12.23 21.91 21.03
C ASP B 156 -13.27 21.26 21.95
N ILE B 157 -13.55 19.98 21.72
CA ILE B 157 -14.43 19.23 22.62
C ILE B 157 -13.58 18.45 23.63
N LEU B 158 -13.82 18.70 24.91
CA LEU B 158 -13.06 18.04 25.95
C LEU B 158 -13.99 17.14 26.72
N ASP B 159 -13.50 15.94 27.06
CA ASP B 159 -14.15 15.05 27.96
C ASP B 159 -14.10 15.70 29.38
N ASP B 160 -15.22 15.70 30.09
CA ASP B 160 -15.19 16.16 31.47
C ASP B 160 -14.08 15.49 32.32
N ARG B 161 -13.69 14.28 31.96
CA ARG B 161 -12.75 13.50 32.75
C ARG B 161 -11.28 13.87 32.43
N GLU B 162 -11.09 14.64 31.36
CA GLU B 162 -9.75 15.00 30.86
C GLU B 162 -9.71 16.39 30.18
N LYS B 163 -9.34 17.44 30.93
CA LYS B 163 -9.29 18.83 30.39
C LYS B 163 -7.95 19.21 29.76
N ASN B 164 -6.98 18.31 29.88
CA ASN B 164 -5.68 18.52 29.29
C ASN B 164 -5.21 17.26 28.52
N PRO B 165 -5.89 16.90 27.39
CA PRO B 165 -5.37 15.71 26.68
C PRO B 165 -4.02 16.00 26.07
N ASP B 166 -3.22 14.95 25.86
CA ASP B 166 -1.99 15.04 25.09
C ASP B 166 -2.20 14.83 23.60
N TRP B 167 -3.32 14.17 23.24
CA TRP B 167 -3.74 13.79 21.87
C TRP B 167 -5.18 14.26 21.60
N TYR B 168 -5.39 14.71 20.37
CA TYR B 168 -6.65 15.20 19.92
C TYR B 168 -7.12 14.45 18.68
N ILE B 169 -8.41 14.09 18.65
CA ILE B 169 -9.00 13.52 17.42
C ILE B 169 -9.10 14.60 16.36
N ILE B 170 -8.32 14.46 15.27
CA ILE B 170 -8.46 15.41 14.14
C ILE B 170 -9.35 14.88 13.00
N SER B 171 -9.55 13.56 12.98
CA SER B 171 -10.13 12.94 11.81
C SER B 171 -10.58 11.51 12.11
N ILE B 172 -11.64 11.05 11.43
CA ILE B 172 -12.25 9.74 11.69
C ILE B 172 -12.55 9.17 10.34
N LYS B 173 -11.99 8.00 10.07
CA LYS B 173 -12.24 7.32 8.79
C LYS B 173 -13.04 6.07 9.10
N ALA B 174 -14.23 6.00 8.55
CA ALA B 174 -15.08 4.81 8.65
C ALA B 174 -14.75 3.79 7.52
N GLN B 175 -14.05 2.74 7.91
CA GLN B 175 -13.44 1.83 6.94
C GLN B 175 -13.59 0.38 7.33
N ASN B 176 -13.34 -0.51 6.37
CA ASN B 176 -13.33 -1.96 6.65
C ASN B 176 -11.98 -2.63 6.82
N GLU B 177 -10.89 -1.89 6.73
CA GLU B 177 -9.57 -2.49 7.09
C GLU B 177 -9.15 -1.95 8.43
N SER B 178 -8.34 -2.72 9.15
CA SER B 178 -7.78 -2.23 10.45
C SER B 178 -6.33 -1.76 10.27
N PHE B 179 -6.04 -1.14 9.13
CA PHE B 179 -4.75 -0.50 8.97
C PHE B 179 -4.95 0.85 8.27
N GLU B 180 -3.90 1.66 8.21
N GLU B 180 -3.88 1.64 8.20
CA GLU B 180 -4.03 2.98 7.59
CA GLU B 180 -3.92 2.99 7.58
C GLU B 180 -4.08 2.94 6.07
C GLU B 180 -4.03 2.97 6.05
N VAL B 181 -5.15 3.50 5.54
CA VAL B 181 -5.29 3.77 4.12
C VAL B 181 -4.61 5.13 3.83
N PRO B 182 -3.90 5.25 2.69
CA PRO B 182 -3.16 6.50 2.41
C PRO B 182 -4.02 7.73 2.37
N MSE B 183 -3.49 8.83 2.86
CA MSE B 183 -4.10 10.11 2.66
C MSE B 183 -4.09 10.53 1.17
O MSE B 183 -3.24 10.09 0.37
CB MSE B 183 -3.51 11.14 3.64
CG MSE B 183 -2.36 12.01 3.20
SE MSE B 183 -1.31 12.68 4.79
CE MSE B 183 -0.08 11.16 5.00
N GLU B 184 -5.09 11.29 0.78
CA GLU B 184 -5.20 11.84 -0.54
C GLU B 184 -3.96 12.66 -0.95
N PRO B 185 -3.59 12.64 -2.25
CA PRO B 185 -2.49 13.43 -2.78
C PRO B 185 -2.49 14.92 -2.46
N ILE B 186 -3.62 15.62 -2.63
CA ILE B 186 -3.68 17.03 -2.25
C ILE B 186 -3.37 17.28 -0.77
N THR B 187 -3.76 16.35 0.08
CA THR B 187 -3.51 16.48 1.52
C THR B 187 -2.02 16.57 1.70
N ILE B 188 -1.28 15.63 1.10
CA ILE B 188 0.15 15.60 1.11
C ILE B 188 0.77 16.91 0.62
N LEU B 189 0.28 17.41 -0.53
CA LEU B 189 0.71 18.68 -1.16
C LEU B 189 0.42 19.88 -0.29
N ARG B 190 -0.80 19.97 0.24
CA ARG B 190 -1.12 21.07 1.16
C ARG B 190 -0.34 21.04 2.51
N ASN B 191 0.05 19.84 2.96
CA ASN B 191 0.83 19.66 4.20
C ASN B 191 2.20 20.33 4.05
N THR B 192 2.55 20.60 2.81
CA THR B 192 3.74 21.39 2.43
C THR B 192 3.67 22.85 2.89
N LEU B 193 2.45 23.37 3.07
CA LEU B 193 2.22 24.77 3.42
C LEU B 193 1.35 24.97 4.68
N ILE B 194 1.99 25.08 5.84
N ILE B 194 1.96 25.05 5.87
CA ILE B 194 1.28 25.24 7.12
CA ILE B 194 1.18 25.24 7.11
C ILE B 194 0.44 26.54 7.24
C ILE B 194 0.23 26.42 7.00
N GLU B 195 0.72 27.45 6.34
CA GLU B 195 -0.05 28.69 6.34
C GLU B 195 -1.23 28.60 5.38
N GLU B 196 -1.51 27.38 5.00
CA GLU B 196 -2.59 27.05 4.11
C GLU B 196 -3.66 26.02 4.49
N GLY B 197 -3.80 25.63 5.75
CA GLY B 197 -2.92 24.74 6.48
C GLY B 197 -3.29 23.28 6.74
N GLY B 198 -2.49 22.41 6.23
CA GLY B 198 -1.08 22.47 6.18
C GLY B 198 -0.63 21.99 7.54
N SER B 199 -0.15 20.75 7.64
CA SER B 199 0.49 20.30 8.87
C SER B 199 1.97 20.77 8.94
N GLY B 200 2.49 21.13 7.78
CA GLY B 200 3.83 21.61 7.60
C GLY B 200 4.92 20.57 7.51
N VAL B 201 4.68 19.47 6.85
CA VAL B 201 5.71 18.51 6.49
C VAL B 201 6.24 18.75 5.08
N PRO B 202 7.54 18.70 4.82
CA PRO B 202 7.96 18.73 3.43
C PRO B 202 7.57 17.46 2.66
N LEU B 203 7.38 17.62 1.36
CA LEU B 203 6.92 16.54 0.50
C LEU B 203 7.95 15.41 0.49
N LYS B 204 7.47 14.21 0.73
CA LYS B 204 8.23 13.00 0.52
C LYS B 204 7.65 12.33 -0.73
N ARG B 205 8.40 12.38 -1.81
CA ARG B 205 7.95 11.82 -3.08
C ARG B 205 7.41 10.38 -3.01
N GLU B 206 8.09 9.50 -2.26
CA GLU B 206 7.64 8.12 -2.02
C GLU B 206 6.21 8.07 -1.37
N LYS B 207 5.93 9.02 -0.48
N LYS B 207 5.96 9.00 -0.45
CA LYS B 207 4.64 9.06 0.24
CA LYS B 207 4.67 9.09 0.27
C LYS B 207 3.55 9.58 -0.68
C LYS B 207 3.57 9.57 -0.67
N TYR B 208 3.93 10.57 -1.45
CA TYR B 208 3.08 11.06 -2.50
C TYR B 208 2.69 10.00 -3.54
N LEU B 209 3.68 9.28 -4.08
CA LEU B 209 3.47 8.29 -5.12
C LEU B 209 2.75 7.04 -4.66
N GLU B 210 2.93 6.64 -3.40
CA GLU B 210 2.18 5.52 -2.79
C GLU B 210 0.70 5.93 -2.66
N SER B 211 0.49 7.16 -2.23
CA SER B 211 -0.86 7.77 -2.16
C SER B 211 -1.59 7.90 -3.55
N VAL B 212 -0.85 8.33 -4.59
CA VAL B 212 -1.35 8.34 -5.96
C VAL B 212 -1.71 6.90 -6.47
N GLU B 213 -0.84 5.93 -6.23
CA GLU B 213 -1.18 4.54 -6.58
C GLU B 213 -2.52 4.08 -6.02
N PHE B 214 -2.79 4.36 -4.75
CA PHE B 214 -4.11 4.10 -4.14
C PHE B 214 -5.27 4.93 -4.75
N TRP B 215 -5.10 6.24 -4.81
CA TRP B 215 -6.21 7.19 -5.13
C TRP B 215 -6.53 7.33 -6.61
N LYS B 216 -5.72 6.75 -7.41
CA LYS B 216 -5.94 6.70 -8.78
C LYS B 216 -6.98 5.65 -9.08
N GLU B 217 -7.30 4.80 -8.13
CA GLU B 217 -8.32 3.76 -8.36
C GLU B 217 -9.38 3.68 -7.26
N HIS B 218 -9.46 4.70 -6.42
CA HIS B 218 -10.44 4.77 -5.32
C HIS B 218 -10.94 6.21 -5.23
N ALA B 219 -12.16 6.40 -4.74
CA ALA B 219 -12.71 7.74 -4.57
C ALA B 219 -13.57 7.79 -3.35
N ILE B 220 -13.63 8.95 -2.70
CA ILE B 220 -14.48 9.09 -1.55
C ILE B 220 -15.97 9.22 -1.92
N VAL B 221 -16.81 8.86 -0.99
CA VAL B 221 -18.25 8.95 -1.18
C VAL B 221 -18.77 10.12 -0.35
N SER B 222 -19.52 11.01 -1.01
CA SER B 222 -20.04 12.19 -0.36
C SER B 222 -21.10 11.89 0.69
N SER B 223 -21.09 12.71 1.73
CA SER B 223 -22.24 12.96 2.63
C SER B 223 -22.33 12.00 3.81
N SER C 19 -7.24 -41.10 34.87
CA SER C 19 -8.68 -40.99 34.90
C SER C 19 -8.86 -39.69 35.48
N LYS C 20 -9.16 -38.70 34.65
CA LYS C 20 -10.50 -38.27 34.44
C LYS C 20 -10.92 -38.45 33.02
N LEU C 21 -12.15 -38.10 32.76
CA LEU C 21 -12.60 -37.93 31.41
C LEU C 21 -12.19 -36.56 30.89
N LEU C 22 -12.44 -36.37 29.61
CA LEU C 22 -11.97 -35.25 28.83
C LEU C 22 -13.02 -34.19 28.67
N GLY C 23 -12.60 -32.99 28.33
CA GLY C 23 -13.42 -32.06 27.62
C GLY C 23 -13.12 -31.71 26.19
N VAL C 24 -14.03 -31.02 25.56
CA VAL C 24 -13.80 -30.28 24.32
C VAL C 24 -13.54 -28.82 24.55
N ASN C 25 -12.37 -28.36 24.16
CA ASN C 25 -12.08 -26.95 24.12
C ASN C 25 -12.85 -26.34 22.95
N SER C 26 -13.34 -25.09 23.12
CA SER C 26 -14.04 -24.37 22.06
C SER C 26 -13.32 -24.34 20.70
N PHE C 27 -11.98 -24.42 20.70
CA PHE C 27 -11.20 -24.37 19.44
C PHE C 27 -11.59 -25.54 18.50
N ALA C 28 -11.80 -26.70 19.07
CA ALA C 28 -12.27 -27.91 18.36
C ALA C 28 -13.67 -27.90 17.75
N LEU C 29 -14.53 -26.98 18.19
CA LEU C 29 -15.88 -26.84 17.67
C LEU C 29 -15.95 -26.54 16.15
N ARG C 30 -14.99 -25.74 15.68
CA ARG C 30 -14.82 -25.42 14.24
C ARG C 30 -14.77 -26.66 13.35
N GLN C 31 -14.44 -27.83 13.90
CA GLN C 31 -14.33 -29.04 13.08
C GLN C 31 -15.67 -29.75 12.83
N PHE C 32 -16.72 -29.27 13.47
CA PHE C 32 -18.06 -29.82 13.25
C PHE C 32 -18.91 -28.96 12.28
N VAL C 33 -18.23 -28.01 11.62
CA VAL C 33 -18.79 -27.12 10.62
C VAL C 33 -18.22 -27.50 9.24
N GLU C 34 -19.08 -27.91 8.32
CA GLU C 34 -18.69 -28.16 6.94
C GLU C 34 -18.14 -26.89 6.34
N GLY C 35 -17.03 -27.14 5.64
CA GLY C 35 -16.06 -26.22 5.15
C GLY C 35 -14.78 -26.18 5.96
N TYR C 36 -14.73 -26.90 7.09
CA TYR C 36 -13.51 -26.98 7.89
C TYR C 36 -12.30 -27.37 6.99
N ARG C 37 -11.16 -26.70 7.17
CA ARG C 37 -9.96 -27.02 6.41
C ARG C 37 -9.19 -28.13 7.07
N GLY C 38 -9.64 -29.36 6.88
CA GLY C 38 -9.00 -30.51 7.47
C GLY C 38 -10.06 -31.52 7.80
N SER C 39 -9.89 -32.16 8.96
CA SER C 39 -10.76 -33.25 9.39
C SER C 39 -12.15 -32.75 9.84
N TYR C 40 -13.14 -32.87 8.94
CA TYR C 40 -14.49 -32.47 9.25
C TYR C 40 -15.19 -33.68 9.88
N ILE C 41 -15.70 -33.49 11.10
CA ILE C 41 -16.56 -34.49 11.76
C ILE C 41 -18.03 -34.27 11.38
N PRO C 42 -18.57 -35.18 10.54
CA PRO C 42 -19.88 -35.03 9.97
C PRO C 42 -21.00 -35.63 10.81
N ARG C 43 -22.19 -35.04 10.65
N ARG C 43 -22.19 -35.07 10.59
CA ARG C 43 -23.42 -35.54 11.24
CA ARG C 43 -23.44 -35.44 11.27
C ARG C 43 -23.20 -36.19 12.63
C ARG C 43 -23.23 -36.15 12.61
N MSE C 44 -22.76 -35.37 13.58
CA MSE C 44 -22.61 -35.73 15.02
C MSE C 44 -22.31 -34.43 15.77
O MSE C 44 -21.53 -33.62 15.25
CB MSE C 44 -21.45 -36.73 15.21
CG MSE C 44 -21.09 -37.12 16.66
SE MSE C 44 -19.81 -38.63 16.78
CE MSE C 44 -21.13 -40.16 16.54
N SER C 45 -22.88 -34.24 16.96
CA SER C 45 -22.66 -33.04 17.77
C SER C 45 -21.36 -33.19 18.53
N PRO C 46 -20.67 -32.08 18.85
CA PRO C 46 -19.46 -32.19 19.70
C PRO C 46 -19.70 -32.95 21.02
N TYR C 47 -20.89 -32.82 21.60
CA TYR C 47 -21.22 -33.51 22.85
C TYR C 47 -21.30 -35.03 22.63
N GLU C 48 -22.01 -35.43 21.60
CA GLU C 48 -22.05 -36.83 21.19
C GLU C 48 -20.64 -37.36 20.79
N PHE C 49 -19.81 -36.51 20.19
CA PHE C 49 -18.39 -36.85 19.96
C PHE C 49 -17.68 -37.15 21.28
N LEU C 50 -17.76 -36.20 22.22
CA LEU C 50 -17.12 -36.34 23.53
C LEU C 50 -17.64 -37.54 24.34
N ARG C 51 -18.94 -37.82 24.28
CA ARG C 51 -19.50 -39.00 24.93
C ARG C 51 -18.84 -40.27 24.46
N ASN C 52 -18.75 -40.45 23.15
CA ASN C 52 -18.13 -41.64 22.58
C ASN C 52 -16.65 -41.74 22.89
N VAL C 53 -15.95 -40.62 22.86
CA VAL C 53 -14.54 -40.60 23.19
C VAL C 53 -14.33 -41.00 24.65
N ASN C 54 -15.09 -40.40 25.56
CA ASN C 54 -15.04 -40.80 26.98
C ASN C 54 -15.46 -42.25 27.29
N ASN C 55 -16.47 -42.74 26.57
CA ASN C 55 -16.88 -44.15 26.70
C ASN C 55 -15.79 -45.12 26.24
N TYR C 56 -15.07 -44.79 25.15
CA TYR C 56 -13.86 -45.53 24.75
C TYR C 56 -12.76 -45.50 25.84
N ILE C 57 -12.51 -44.35 26.45
CA ILE C 57 -11.54 -44.25 27.54
C ILE C 57 -11.90 -45.19 28.71
N ILE C 58 -13.13 -45.09 29.21
CA ILE C 58 -13.58 -46.02 30.24
C ILE C 58 -13.55 -47.52 29.85
N GLU C 59 -13.88 -47.86 28.60
CA GLU C 59 -13.89 -49.27 28.20
C GLU C 59 -12.54 -49.86 27.89
N ASN C 60 -11.61 -49.05 27.36
CA ASN C 60 -10.44 -49.57 26.66
C ASN C 60 -9.08 -49.18 27.25
N ASN C 61 -9.06 -48.30 28.25
CA ASN C 61 -7.81 -47.77 28.78
C ASN C 61 -6.73 -47.45 27.72
N PRO C 62 -6.99 -46.45 26.85
CA PRO C 62 -5.98 -46.13 25.82
C PRO C 62 -4.70 -45.50 26.40
N THR C 63 -3.60 -45.71 25.68
CA THR C 63 -2.31 -45.11 26.01
C THR C 63 -2.37 -43.60 25.75
N LEU C 64 -1.94 -42.84 26.74
CA LEU C 64 -1.83 -41.42 26.64
C LEU C 64 -0.40 -41.10 26.15
N VAL C 65 -0.30 -40.60 24.93
CA VAL C 65 1.00 -40.36 24.28
C VAL C 65 1.43 -38.89 24.38
N ASP C 66 2.64 -38.65 24.82
CA ASP C 66 3.23 -37.32 24.79
C ASP C 66 3.22 -36.63 23.40
N GLY C 67 2.90 -35.34 23.39
CA GLY C 67 2.95 -34.50 22.20
C GLY C 67 4.21 -33.64 22.17
N TYR C 68 4.14 -32.52 21.44
CA TYR C 68 5.35 -31.69 21.21
C TYR C 68 5.84 -30.93 22.46
N ALA C 69 5.02 -30.88 23.49
CA ALA C 69 5.29 -30.10 24.67
C ALA C 69 4.59 -30.81 25.81
N ASP C 70 4.95 -30.49 27.07
CA ASP C 70 4.39 -31.21 28.24
C ASP C 70 2.86 -31.06 28.44
N PHE C 71 2.34 -29.95 27.93
CA PHE C 71 0.92 -29.61 28.05
C PHE C 71 0.06 -30.25 26.95
N CYS C 72 0.70 -31.03 26.08
CA CYS C 72 0.00 -31.62 24.95
C CYS C 72 0.17 -33.14 24.88
N LYS C 73 -0.97 -33.85 24.85
CA LYS C 73 -1.00 -35.31 24.67
C LYS C 73 -1.88 -35.73 23.50
N HIS C 74 -1.76 -37.00 23.10
CA HIS C 74 -2.60 -37.59 22.09
C HIS C 74 -3.20 -38.90 22.64
N ILE C 75 -4.34 -39.27 22.09
CA ILE C 75 -4.95 -40.58 22.15
C ILE C 75 -5.26 -40.94 20.71
N PHE C 76 -4.95 -42.18 20.31
CA PHE C 76 -5.24 -42.65 18.94
C PHE C 76 -6.33 -43.67 19.02
N ILE C 77 -7.43 -43.42 18.33
CA ILE C 77 -8.62 -44.23 18.52
C ILE C 77 -9.10 -44.70 17.16
N PRO C 78 -9.60 -45.97 17.10
CA PRO C 78 -10.34 -46.36 15.91
C PRO C 78 -11.40 -45.30 15.60
N ASN C 79 -11.53 -44.92 14.35
CA ASN C 79 -12.52 -43.90 14.01
C ASN C 79 -13.95 -44.44 14.04
N PHE C 80 -14.77 -43.88 14.94
CA PHE C 80 -16.18 -44.26 15.12
C PHE C 80 -17.13 -43.27 14.43
N THR C 81 -16.58 -42.25 13.78
CA THR C 81 -17.32 -41.26 12.98
C THR C 81 -17.18 -41.63 11.48
N GLU C 82 -17.92 -40.96 10.60
CA GLU C 82 -17.63 -41.13 9.17
C GLU C 82 -16.55 -40.15 8.61
N ALA C 83 -15.90 -39.36 9.48
CA ALA C 83 -14.77 -38.47 9.10
C ALA C 83 -13.75 -39.11 8.17
N LYS C 84 -13.47 -38.41 7.07
CA LYS C 84 -12.66 -38.93 5.96
C LYS C 84 -11.19 -38.58 6.12
N GLN C 85 -10.35 -39.38 5.48
CA GLN C 85 -8.96 -39.05 5.32
C GLN C 85 -8.84 -37.59 4.82
N SER C 86 -8.06 -36.77 5.53
CA SER C 86 -7.99 -35.34 5.26
C SER C 86 -6.64 -34.83 4.70
N ILE C 87 -5.68 -35.73 4.47
CA ILE C 87 -4.36 -35.38 3.95
C ILE C 87 -4.03 -36.23 2.73
N VAL C 88 -3.53 -35.60 1.67
CA VAL C 88 -3.09 -36.36 0.50
C VAL C 88 -1.67 -36.00 0.05
N LYS C 89 -0.90 -37.04 -0.26
CA LYS C 89 0.42 -36.92 -0.90
C LYS C 89 0.31 -36.13 -2.20
N ILE C 90 1.19 -35.13 -2.37
CA ILE C 90 1.23 -34.32 -3.58
C ILE C 90 2.17 -35.04 -4.53
N THR C 91 1.74 -35.15 -5.80
CA THR C 91 2.49 -35.82 -6.85
C THR C 91 2.51 -34.88 -8.03
N ASN C 92 3.27 -35.26 -9.06
CA ASN C 92 3.36 -34.44 -10.26
C ASN C 92 2.03 -34.27 -11.00
N GLU C 93 1.13 -35.25 -10.91
CA GLU C 93 -0.17 -35.22 -11.60
C GLU C 93 -1.35 -34.57 -10.85
N ASN C 94 -1.24 -34.45 -9.53
CA ASN C 94 -2.31 -33.80 -8.76
C ASN C 94 -1.98 -32.38 -8.28
N GLU C 95 -0.73 -31.99 -8.43
CA GLU C 95 -0.26 -30.65 -8.05
C GLU C 95 -1.06 -29.53 -8.72
N LYS C 96 -1.52 -29.76 -9.94
CA LYS C 96 -2.38 -28.80 -10.62
C LYS C 96 -3.67 -28.46 -9.90
N TYR C 97 -4.05 -29.25 -8.90
CA TYR C 97 -5.33 -29.06 -8.22
C TYR C 97 -5.17 -28.28 -6.92
N ILE C 98 -3.93 -27.99 -6.56
CA ILE C 98 -3.63 -27.21 -5.33
C ILE C 98 -4.24 -25.79 -5.42
N LYS C 99 -4.99 -25.37 -4.39
CA LYS C 99 -5.34 -23.94 -4.24
C LYS C 99 -4.50 -23.32 -3.15
N THR C 100 -4.24 -22.02 -3.31
CA THR C 100 -3.44 -21.18 -2.35
C THR C 100 -4.16 -19.90 -1.88
N GLY C 101 -3.81 -19.42 -0.69
CA GLY C 101 -4.44 -18.22 -0.16
C GLY C 101 -4.07 -17.91 1.27
N TYR C 102 -4.43 -16.71 1.73
CA TYR C 102 -4.26 -16.30 3.13
C TYR C 102 -5.53 -16.48 3.94
N ILE C 103 -5.59 -17.51 4.78
CA ILE C 103 -6.76 -17.78 5.60
C ILE C 103 -6.39 -17.78 7.09
N SER C 104 -7.35 -17.34 7.92
CA SER C 104 -7.27 -17.41 9.38
C SER C 104 -7.92 -18.70 9.90
N ARG C 105 -7.40 -19.24 11.01
CA ARG C 105 -8.00 -20.40 11.68
C ARG C 105 -9.32 -20.02 12.39
N ARG C 106 -9.38 -18.76 12.82
CA ARG C 106 -10.52 -18.15 13.50
C ARG C 106 -10.40 -16.61 13.44
N ASP C 107 -11.47 -15.93 13.79
CA ASP C 107 -11.55 -14.47 13.70
C ASP C 107 -10.38 -13.66 14.32
N GLU C 108 -9.87 -14.03 15.50
CA GLU C 108 -8.85 -13.22 16.19
C GLU C 108 -7.44 -13.50 15.75
N GLU C 109 -7.30 -14.47 14.84
CA GLU C 109 -6.01 -14.75 14.26
C GLU C 109 -5.74 -13.99 12.96
N ILE C 110 -4.51 -13.50 12.81
CA ILE C 110 -4.05 -13.06 11.48
C ILE C 110 -4.03 -14.21 10.42
N PRO C 111 -4.29 -13.86 9.14
CA PRO C 111 -4.34 -14.89 8.14
C PRO C 111 -2.94 -15.33 7.72
N VAL C 112 -2.86 -16.55 7.22
CA VAL C 112 -1.57 -17.14 6.94
C VAL C 112 -1.59 -17.79 5.57
N LEU C 113 -0.47 -17.78 4.84
CA LEU C 113 -0.39 -18.39 3.48
C LEU C 113 -0.58 -19.89 3.62
N SER C 114 -1.42 -20.46 2.78
CA SER C 114 -1.86 -21.84 2.99
C SER C 114 -1.97 -22.46 1.62
N ARG C 115 -1.91 -23.79 1.54
CA ARG C 115 -2.30 -24.46 0.34
C ARG C 115 -3.13 -25.70 0.71
N TRP C 116 -4.04 -26.09 -0.20
CA TRP C 116 -4.97 -27.20 0.05
C TRP C 116 -5.50 -27.77 -1.27
N PHE C 117 -6.07 -28.96 -1.20
CA PHE C 117 -6.94 -29.47 -2.23
C PHE C 117 -8.38 -29.14 -1.85
N PRO C 118 -9.08 -28.43 -2.74
CA PRO C 118 -10.51 -28.18 -2.61
C PRO C 118 -11.38 -29.48 -2.65
N LYS C 119 -12.48 -29.42 -1.91
CA LYS C 119 -13.39 -30.55 -1.73
C LYS C 119 -13.81 -31.24 -3.05
N ASP C 120 -13.87 -30.45 -4.13
CA ASP C 120 -14.37 -30.90 -5.45
C ASP C 120 -13.30 -31.60 -6.32
N SER C 121 -12.05 -31.25 -6.06
CA SER C 121 -10.90 -31.75 -6.83
C SER C 121 -10.83 -33.29 -6.92
N PRO C 122 -10.38 -33.83 -8.07
CA PRO C 122 -10.06 -35.26 -8.18
C PRO C 122 -9.26 -35.98 -7.05
N PRO C 123 -8.16 -35.38 -6.49
CA PRO C 123 -7.54 -35.92 -5.23
C PRO C 123 -8.46 -36.15 -4.04
N ALA C 124 -9.54 -35.38 -3.96
CA ALA C 124 -10.47 -35.43 -2.84
C ALA C 124 -11.73 -36.27 -3.11
N SER C 125 -11.94 -36.67 -4.36
CA SER C 125 -13.13 -37.46 -4.73
C SER C 125 -13.05 -38.93 -4.33
N GLN C 126 -11.82 -39.43 -4.20
CA GLN C 126 -11.55 -40.83 -3.89
C GLN C 126 -11.61 -41.17 -2.39
N LEU C 127 -11.33 -40.17 -1.55
CA LEU C 127 -11.19 -40.37 -0.12
C LEU C 127 -12.42 -40.97 0.57
N ILE C 128 -12.15 -41.77 1.61
CA ILE C 128 -13.19 -42.42 2.42
C ILE C 128 -12.89 -42.26 3.92
N LYS C 129 -13.81 -42.73 4.76
CA LYS C 129 -13.60 -42.83 6.20
C LYS C 129 -12.15 -43.21 6.57
N SER C 130 -11.56 -42.46 7.48
CA SER C 130 -10.20 -42.80 7.95
C SER C 130 -10.24 -43.93 8.97
N LYS C 131 -9.10 -44.59 9.17
CA LYS C 131 -9.01 -45.76 10.05
C LYS C 131 -8.99 -45.36 11.51
N TYR C 132 -8.27 -44.29 11.81
CA TYR C 132 -8.12 -43.81 13.18
C TYR C 132 -8.50 -42.37 13.28
N LEU C 133 -8.64 -41.94 14.54
CA LEU C 133 -8.63 -40.52 14.97
C LEU C 133 -7.39 -40.25 15.82
N ASP C 134 -6.61 -39.21 15.51
CA ASP C 134 -5.68 -38.66 16.50
C ASP C 134 -6.38 -37.53 17.26
N ILE C 135 -6.59 -37.76 18.57
CA ILE C 135 -7.30 -36.83 19.45
C ILE C 135 -6.26 -36.08 20.24
N ILE C 136 -6.12 -34.78 19.98
CA ILE C 136 -5.07 -33.97 20.55
C ILE C 136 -5.64 -33.22 21.74
N LEU C 137 -4.97 -33.39 22.88
CA LEU C 137 -5.35 -32.81 24.18
C LEU C 137 -4.41 -31.70 24.60
N TYR C 138 -4.99 -30.64 25.17
CA TYR C 138 -4.21 -29.66 25.92
C TYR C 138 -4.60 -29.66 27.38
N SER C 139 -3.61 -29.40 28.22
CA SER C 139 -3.81 -29.31 29.65
C SER C 139 -4.82 -28.20 29.94
N LYS C 140 -5.59 -28.38 31.00
CA LYS C 140 -6.41 -27.35 31.57
C LYS C 140 -5.60 -26.04 31.63
N GLU C 141 -4.37 -26.14 32.12
CA GLU C 141 -3.47 -24.99 32.42
C GLU C 141 -3.15 -24.21 31.18
N GLN C 142 -2.75 -24.95 30.15
CA GLN C 142 -2.46 -24.38 28.84
C GLN C 142 -3.70 -23.74 28.21
N CYS C 143 -4.85 -24.40 28.26
CA CYS C 143 -6.07 -23.78 27.74
C CYS C 143 -6.39 -22.45 28.44
N GLU C 144 -6.29 -22.44 29.77
CA GLU C 144 -6.44 -21.23 30.61
C GLU C 144 -5.46 -20.13 30.19
N LYS C 145 -4.19 -20.49 30.11
CA LYS C 145 -3.10 -19.56 29.75
C LYS C 145 -3.37 -18.84 28.42
N GLU C 146 -3.74 -19.58 27.37
CA GLU C 146 -4.06 -19.01 26.05
C GLU C 146 -5.34 -18.16 26.02
N SER C 147 -6.41 -18.72 26.58
CA SER C 147 -7.66 -17.98 26.73
C SER C 147 -7.52 -16.63 27.43
N SER C 148 -6.59 -16.50 28.40
CA SER C 148 -6.39 -15.24 29.14
C SER C 148 -5.45 -14.25 28.42
N ILE C 149 -4.77 -14.73 27.38
CA ILE C 149 -3.97 -13.89 26.47
C ILE C 149 -4.81 -13.43 25.26
N MSE C 150 -5.75 -14.26 24.79
CA MSE C 150 -6.57 -13.91 23.65
C MSE C 150 -7.93 -13.33 23.93
O MSE C 150 -8.60 -12.82 23.03
CB MSE C 150 -6.82 -15.10 22.74
CG MSE C 150 -5.64 -15.70 22.02
SE MSE C 150 -4.87 -14.76 20.67
CE MSE C 150 -5.93 -14.85 19.58
N ASN C 151 -8.38 -13.45 25.16
CA ASN C 151 -9.67 -12.90 25.55
C ASN C 151 -10.90 -13.56 24.94
N CYS C 152 -10.89 -14.87 24.82
CA CYS C 152 -11.96 -15.56 24.09
C CYS C 152 -13.27 -15.73 24.87
N CYS C 153 -14.33 -15.94 24.13
CA CYS C 153 -15.65 -16.07 24.70
C CYS C 153 -16.45 -17.14 23.96
N LEU C 154 -15.86 -18.31 23.75
CA LEU C 154 -16.66 -19.50 23.50
C LEU C 154 -16.72 -20.49 24.66
N GLN C 155 -17.86 -21.16 24.73
CA GLN C 155 -18.20 -22.17 25.71
C GLN C 155 -17.50 -23.52 25.36
N ASP C 156 -16.68 -24.02 26.28
CA ASP C 156 -16.24 -25.41 26.29
C ASP C 156 -17.35 -26.46 26.39
N ILE C 157 -17.18 -27.63 25.77
CA ILE C 157 -18.20 -28.71 25.92
C ILE C 157 -17.74 -29.67 26.98
N LEU C 158 -18.61 -29.89 27.97
CA LEU C 158 -18.30 -30.73 29.13
C LEU C 158 -19.13 -32.02 29.16
N ASP C 159 -18.49 -33.13 29.52
CA ASP C 159 -19.20 -34.37 29.77
C ASP C 159 -19.96 -34.20 31.09
N ASP C 160 -21.23 -34.56 31.10
CA ASP C 160 -22.02 -34.55 32.32
C ASP C 160 -21.30 -35.28 33.45
N ARG C 161 -20.50 -36.28 33.10
CA ARG C 161 -19.73 -37.09 34.04
C ARG C 161 -18.46 -36.43 34.55
N GLU C 162 -18.01 -35.35 33.90
CA GLU C 162 -16.77 -34.66 34.31
C GLU C 162 -16.76 -33.15 33.98
N LYS C 163 -17.25 -32.36 34.93
CA LYS C 163 -17.35 -30.92 34.74
C LYS C 163 -16.03 -30.17 35.05
N ASN C 164 -15.00 -30.89 35.55
CA ASN C 164 -13.62 -30.33 35.69
C ASN C 164 -12.46 -31.20 35.14
N PRO C 165 -12.40 -31.38 33.78
CA PRO C 165 -11.39 -32.23 33.19
C PRO C 165 -10.00 -31.63 33.35
N ASP C 166 -8.99 -32.52 33.43
CA ASP C 166 -7.61 -32.07 33.49
C ASP C 166 -7.12 -31.73 32.10
N TRP C 167 -7.77 -32.33 31.11
CA TRP C 167 -7.36 -32.29 29.71
C TRP C 167 -8.53 -32.05 28.78
N TYR C 168 -8.24 -31.30 27.71
CA TYR C 168 -9.25 -30.86 26.77
C TYR C 168 -8.89 -31.24 25.35
N ILE C 169 -9.87 -31.72 24.60
CA ILE C 169 -9.72 -31.92 23.16
C ILE C 169 -9.59 -30.55 22.42
N ILE C 170 -8.41 -30.29 21.82
CA ILE C 170 -8.28 -29.08 20.95
C ILE C 170 -8.36 -29.36 19.43
N SER C 171 -8.09 -30.59 19.04
CA SER C 171 -7.87 -30.91 17.64
C SER C 171 -8.18 -32.40 17.44
N ILE C 172 -8.73 -32.74 16.27
CA ILE C 172 -9.02 -34.11 15.87
C ILE C 172 -8.45 -34.32 14.47
N LYS C 173 -7.54 -35.27 14.33
CA LYS C 173 -7.06 -35.64 12.98
C LYS C 173 -7.61 -37.00 12.55
N ALA C 174 -8.31 -37.02 11.42
CA ALA C 174 -8.82 -38.20 10.79
C ALA C 174 -7.74 -38.76 9.86
N GLN C 175 -7.13 -39.87 10.26
CA GLN C 175 -5.89 -40.34 9.62
C GLN C 175 -5.80 -41.87 9.60
N ASN C 176 -4.95 -42.38 8.72
CA ASN C 176 -4.81 -43.82 8.52
C ASN C 176 -3.68 -44.50 9.26
N GLU C 177 -2.80 -43.73 9.88
CA GLU C 177 -1.74 -44.29 10.71
C GLU C 177 -2.07 -43.95 12.15
N SER C 178 -1.53 -44.75 13.06
CA SER C 178 -1.83 -44.67 14.50
C SER C 178 -0.69 -43.95 15.23
N PHE C 179 -0.05 -43.00 14.59
CA PHE C 179 0.95 -42.17 15.27
C PHE C 179 0.86 -40.71 14.85
N GLU C 180 1.50 -39.83 15.62
N GLU C 180 1.48 -39.83 15.63
CA GLU C 180 1.51 -38.39 15.34
CA GLU C 180 1.51 -38.40 15.31
C GLU C 180 2.14 -38.04 13.95
C GLU C 180 2.12 -38.11 13.92
N VAL C 181 1.32 -37.45 13.08
CA VAL C 181 1.76 -36.82 11.83
C VAL C 181 2.28 -35.40 12.22
N PRO C 182 3.41 -34.95 11.64
CA PRO C 182 3.91 -33.58 11.93
C PRO C 182 2.84 -32.47 11.75
N MSE C 183 2.82 -31.51 12.66
CA MSE C 183 2.01 -30.33 12.42
C MSE C 183 2.58 -29.50 11.24
O MSE C 183 3.75 -29.61 10.91
CB MSE C 183 1.79 -29.50 13.72
CG MSE C 183 2.91 -28.57 14.17
SE MSE C 183 2.85 -28.13 16.14
CE MSE C 183 3.90 -29.69 16.72
N GLU C 184 1.72 -28.74 10.55
CA GLU C 184 2.19 -27.83 9.50
C GLU C 184 3.28 -26.87 10.03
N PRO C 185 4.27 -26.54 9.16
CA PRO C 185 5.27 -25.50 9.47
C PRO C 185 4.72 -24.16 9.99
N ILE C 186 3.64 -23.69 9.39
N ILE C 186 3.64 -23.66 9.41
CA ILE C 186 2.92 -22.47 9.79
CA ILE C 186 3.08 -22.39 9.87
C ILE C 186 2.67 -22.49 11.28
C ILE C 186 2.63 -22.45 11.32
N THR C 187 2.01 -23.56 11.72
CA THR C 187 1.62 -23.80 13.08
C THR C 187 2.77 -23.73 14.06
N ILE C 188 3.95 -24.24 13.64
CA ILE C 188 5.15 -24.21 14.49
C ILE C 188 5.68 -22.77 14.67
N LEU C 189 5.68 -22.02 13.56
CA LEU C 189 6.04 -20.61 13.58
C LEU C 189 5.07 -19.75 14.42
N ARG C 190 3.77 -19.97 14.26
CA ARG C 190 2.78 -19.22 15.04
C ARG C 190 2.87 -19.54 16.54
N ASN C 191 3.27 -20.77 16.86
CA ASN C 191 3.48 -21.22 18.24
C ASN C 191 4.58 -20.44 18.94
N THR C 192 5.44 -19.73 18.20
CA THR C 192 6.37 -18.78 18.83
C THR C 192 5.73 -17.43 19.29
N LEU C 193 4.48 -17.16 18.87
CA LEU C 193 3.78 -15.96 19.23
C LEU C 193 2.43 -16.31 19.87
N ILE C 194 2.38 -16.35 21.19
CA ILE C 194 1.16 -16.58 21.97
C ILE C 194 0.10 -15.50 21.78
N GLU C 195 0.52 -14.36 21.30
CA GLU C 195 -0.37 -13.30 21.07
C GLU C 195 -1.06 -13.38 19.77
N GLU C 196 -0.62 -14.30 18.93
CA GLU C 196 -1.16 -14.44 17.62
C GLU C 196 -2.00 -15.69 17.25
N GLY C 197 -2.42 -16.44 18.26
CA GLY C 197 -1.51 -17.31 18.99
C GLY C 197 -1.80 -18.79 18.74
N GLY C 198 -0.76 -19.61 18.79
CA GLY C 198 0.33 -19.38 19.71
C GLY C 198 0.09 -20.03 21.07
N SER C 199 0.93 -21.01 21.40
CA SER C 199 0.70 -21.86 22.57
C SER C 199 1.69 -21.55 23.68
N GLY C 200 2.57 -20.59 23.44
CA GLY C 200 3.53 -20.69 22.35
C GLY C 200 4.88 -21.20 22.81
N VAL C 201 5.68 -21.70 21.88
CA VAL C 201 6.90 -22.42 22.21
C VAL C 201 8.03 -22.04 21.27
N PRO C 202 9.15 -21.58 21.85
CA PRO C 202 10.35 -21.28 21.06
C PRO C 202 10.60 -22.32 19.98
N LEU C 203 11.00 -21.87 18.80
CA LEU C 203 11.02 -22.74 17.62
C LEU C 203 12.17 -23.73 17.71
N LYS C 204 11.85 -25.00 17.48
CA LYS C 204 12.88 -26.04 17.39
C LYS C 204 13.26 -26.31 15.93
N ARG C 205 14.46 -25.91 15.56
CA ARG C 205 14.93 -26.03 14.18
C ARG C 205 14.65 -27.40 13.59
N GLU C 206 14.95 -28.43 14.38
CA GLU C 206 14.87 -29.83 13.94
C GLU C 206 13.42 -30.37 13.87
N LYS C 207 12.58 -30.01 14.83
CA LYS C 207 11.14 -30.21 14.72
C LYS C 207 10.59 -29.49 13.48
N TYR C 208 10.90 -28.22 13.27
CA TYR C 208 10.47 -27.48 12.08
C TYR C 208 10.88 -28.20 10.78
N LEU C 209 12.12 -28.66 10.72
CA LEU C 209 12.63 -29.28 9.48
C LEU C 209 11.99 -30.61 9.21
N GLU C 210 11.71 -31.36 10.27
CA GLU C 210 10.91 -32.60 10.17
C GLU C 210 9.53 -32.34 9.60
N SER C 211 8.86 -31.30 10.09
CA SER C 211 7.58 -30.94 9.52
C SER C 211 7.65 -30.47 8.06
N VAL C 212 8.66 -29.67 7.69
CA VAL C 212 8.87 -29.33 6.27
C VAL C 212 9.02 -30.56 5.39
N GLU C 213 9.86 -31.52 5.77
CA GLU C 213 9.99 -32.73 4.93
C GLU C 213 8.69 -33.51 4.69
N PHE C 214 7.82 -33.62 5.70
CA PHE C 214 6.46 -34.12 5.48
C PHE C 214 5.61 -33.19 4.60
N TRP C 215 5.50 -31.91 4.95
CA TRP C 215 4.49 -31.07 4.29
C TRP C 215 4.87 -30.58 2.93
N LYS C 216 6.10 -30.87 2.52
CA LYS C 216 6.52 -30.69 1.14
C LYS C 216 5.62 -31.47 0.19
N GLU C 217 5.29 -32.70 0.57
CA GLU C 217 4.70 -33.66 -0.37
C GLU C 217 3.24 -33.93 -0.02
N HIS C 218 2.71 -33.17 0.93
CA HIS C 218 1.38 -33.43 1.47
C HIS C 218 0.58 -32.13 1.60
N ALA C 219 -0.70 -32.19 1.23
CA ALA C 219 -1.62 -31.08 1.47
C ALA C 219 -2.90 -31.57 2.13
N ILE C 220 -3.49 -30.72 2.97
CA ILE C 220 -4.83 -30.97 3.52
C ILE C 220 -5.91 -30.95 2.41
N VAL C 221 -6.94 -31.75 2.63
CA VAL C 221 -8.08 -31.71 1.77
C VAL C 221 -9.15 -30.92 2.52
N SER C 222 -9.75 -29.93 1.85
CA SER C 222 -10.69 -29.05 2.51
C SER C 222 -12.06 -29.67 2.70
N SER C 223 -12.76 -29.16 3.70
CA SER C 223 -14.17 -29.43 3.97
C SER C 223 -14.32 -30.88 4.31
N LYS D 20 14.01 41.44 -30.49
CA LYS D 20 13.92 40.07 -29.91
C LYS D 20 15.29 39.38 -30.09
N LEU D 21 15.41 38.21 -30.74
CA LEU D 21 14.36 37.26 -31.11
C LEU D 21 14.24 36.15 -30.06
N LEU D 22 13.22 35.32 -30.18
CA LEU D 22 12.96 34.30 -29.18
C LEU D 22 13.72 32.98 -29.42
N GLY D 23 13.81 32.15 -28.37
CA GLY D 23 14.17 30.74 -28.51
C GLY D 23 13.01 29.88 -28.08
N VAL D 24 13.16 28.56 -28.11
CA VAL D 24 12.13 27.64 -27.59
C VAL D 24 12.70 26.73 -26.51
N ASN D 25 12.24 26.92 -25.29
CA ASN D 25 12.58 26.01 -24.20
C ASN D 25 12.09 24.58 -24.49
N SER D 26 12.89 23.61 -24.08
CA SER D 26 12.58 22.21 -24.26
C SER D 26 11.22 21.79 -23.66
N PHE D 27 10.73 22.53 -22.65
CA PHE D 27 9.37 22.26 -22.08
C PHE D 27 8.20 22.27 -23.09
N ALA D 28 8.19 23.25 -24.00
CA ALA D 28 7.17 23.40 -25.06
C ALA D 28 7.17 22.33 -26.16
N LEU D 29 8.25 21.57 -26.29
CA LEU D 29 8.39 20.59 -27.38
C LEU D 29 7.33 19.50 -27.27
N ARG D 30 6.85 19.32 -26.04
CA ARG D 30 5.72 18.46 -25.72
C ARG D 30 4.46 18.76 -26.46
N GLN D 31 4.28 20.03 -26.85
CA GLN D 31 3.02 20.45 -27.47
C GLN D 31 2.98 20.12 -28.96
N PHE D 32 4.05 19.51 -29.43
CA PHE D 32 4.20 19.16 -30.82
C PHE D 32 3.95 17.67 -30.97
N VAL D 33 3.60 17.04 -29.87
CA VAL D 33 3.31 15.63 -29.86
C VAL D 33 1.88 15.36 -29.61
N GLU D 34 1.26 14.68 -30.57
CA GLU D 34 -0.14 14.37 -30.48
C GLU D 34 -0.51 13.56 -29.26
N GLY D 35 -1.53 14.04 -28.58
CA GLY D 35 -1.95 13.52 -27.32
C GLY D 35 -1.67 14.41 -26.16
N TYR D 36 -1.00 15.53 -26.41
CA TYR D 36 -0.76 16.56 -25.43
C TYR D 36 -2.04 17.11 -24.87
N ARG D 37 -2.10 17.25 -23.56
CA ARG D 37 -3.30 17.64 -22.90
C ARG D 37 -3.56 19.11 -22.98
N GLY D 38 -4.07 19.53 -24.10
CA GLY D 38 -4.20 20.91 -24.38
C GLY D 38 -3.70 21.21 -25.74
N SER D 39 -3.16 22.39 -25.89
CA SER D 39 -3.02 23.01 -27.19
C SER D 39 -2.06 22.28 -28.07
N TYR D 40 -2.47 21.21 -28.73
CA TYR D 40 -1.64 20.50 -29.70
C TYR D 40 -1.31 21.37 -30.90
N ILE D 41 -0.05 21.43 -31.28
CA ILE D 41 0.41 22.17 -32.46
C ILE D 41 0.78 21.22 -33.59
N PRO D 42 -0.18 20.98 -34.53
CA PRO D 42 0.04 19.95 -35.54
C PRO D 42 0.74 20.38 -36.84
N ARG D 43 1.29 19.37 -37.54
CA ARG D 43 1.92 19.48 -38.87
C ARG D 43 3.00 20.56 -39.05
N MSE D 44 3.65 20.90 -37.95
CA MSE D 44 4.68 21.88 -38.01
C MSE D 44 5.74 21.42 -37.05
O MSE D 44 5.40 20.88 -36.02
CB MSE D 44 4.12 23.20 -37.52
CG MSE D 44 5.03 24.36 -37.71
SE MSE D 44 4.13 26.06 -37.41
CE MSE D 44 2.74 26.04 -38.85
N SER D 45 7.01 21.63 -37.40
CA SER D 45 8.11 21.41 -36.47
C SER D 45 8.23 22.58 -35.47
N PRO D 46 8.77 22.29 -34.28
CA PRO D 46 9.10 23.37 -33.34
C PRO D 46 9.94 24.47 -34.00
N TYR D 47 10.92 24.07 -34.81
CA TYR D 47 11.79 25.05 -35.47
C TYR D 47 11.03 25.91 -36.47
N GLU D 48 10.18 25.30 -37.30
CA GLU D 48 9.28 26.06 -38.19
C GLU D 48 8.32 26.97 -37.39
N PHE D 49 7.86 26.50 -36.23
CA PHE D 49 6.98 27.32 -35.39
C PHE D 49 7.74 28.57 -34.90
N LEU D 50 8.91 28.38 -34.26
CA LEU D 50 9.90 29.47 -33.97
C LEU D 50 10.22 30.44 -35.14
N ARG D 51 10.55 29.91 -36.31
CA ARG D 51 10.71 30.80 -37.50
C ARG D 51 9.53 31.83 -37.68
N ASN D 52 8.32 31.28 -37.77
CA ASN D 52 7.12 32.05 -37.95
C ASN D 52 6.85 33.08 -36.86
N VAL D 53 7.07 32.70 -35.60
CA VAL D 53 6.86 33.64 -34.53
C VAL D 53 7.89 34.78 -34.60
N ASN D 54 9.17 34.46 -34.83
CA ASN D 54 10.20 35.50 -34.95
C ASN D 54 9.98 36.42 -36.13
N ASN D 55 9.55 35.85 -37.24
CA ASN D 55 9.15 36.59 -38.44
C ASN D 55 8.04 37.57 -38.13
N TYR D 56 6.98 37.08 -37.48
CA TYR D 56 5.94 37.97 -36.90
C TYR D 56 6.51 39.10 -35.99
N ILE D 57 7.45 38.78 -35.12
CA ILE D 57 8.11 39.80 -34.29
C ILE D 57 8.84 40.87 -35.16
N ILE D 58 9.69 40.43 -36.08
CA ILE D 58 10.38 41.34 -37.00
C ILE D 58 9.40 42.26 -37.80
N GLU D 59 8.33 41.66 -38.32
CA GLU D 59 7.37 42.33 -39.18
C GLU D 59 6.41 43.29 -38.44
N ASN D 60 6.03 42.93 -37.23
CA ASN D 60 4.95 43.61 -36.51
C ASN D 60 5.35 44.30 -35.20
N ASN D 61 6.57 44.04 -34.71
CA ASN D 61 7.01 44.47 -33.37
C ASN D 61 5.87 44.44 -32.29
N PRO D 62 5.34 43.24 -31.96
CA PRO D 62 4.25 43.11 -30.97
C PRO D 62 4.57 43.64 -29.55
N THR D 63 3.53 43.94 -28.79
CA THR D 63 3.70 44.40 -27.41
C THR D 63 4.05 43.22 -26.51
N LEU D 64 5.11 43.36 -25.73
CA LEU D 64 5.47 42.34 -24.75
C LEU D 64 4.67 42.62 -23.51
N VAL D 65 3.80 41.68 -23.18
CA VAL D 65 2.86 41.82 -22.07
C VAL D 65 3.36 41.17 -20.78
N ASP D 66 3.17 41.89 -19.67
CA ASP D 66 3.46 41.39 -18.34
C ASP D 66 2.81 40.04 -18.01
N GLY D 67 3.59 39.10 -17.44
CA GLY D 67 3.07 37.83 -16.94
C GLY D 67 2.86 37.86 -15.44
N TYR D 68 2.70 36.70 -14.81
CA TYR D 68 2.41 36.66 -13.35
C TYR D 68 3.58 37.04 -12.45
N ALA D 69 4.78 37.01 -13.00
CA ALA D 69 6.01 37.34 -12.28
C ALA D 69 6.90 38.09 -13.26
N ASP D 70 7.94 38.75 -12.78
CA ASP D 70 8.68 39.61 -13.69
C ASP D 70 9.51 38.86 -14.75
N PHE D 71 9.78 37.55 -14.53
CA PHE D 71 10.52 36.66 -15.48
C PHE D 71 9.64 36.03 -16.55
N CYS D 72 8.37 36.41 -16.56
CA CYS D 72 7.38 35.80 -17.44
C CYS D 72 6.66 36.87 -18.27
N LYS D 73 6.69 36.72 -19.59
CA LYS D 73 6.03 37.61 -20.54
C LYS D 73 5.09 36.86 -21.52
N HIS D 74 4.27 37.62 -22.26
CA HIS D 74 3.42 37.06 -23.30
C HIS D 74 3.45 37.90 -24.55
N ILE D 75 3.20 37.23 -25.67
CA ILE D 75 2.88 37.85 -26.92
C ILE D 75 1.64 37.14 -27.38
N PHE D 76 0.68 37.91 -27.86
CA PHE D 76 -0.54 37.35 -28.45
C PHE D 76 -0.49 37.60 -29.92
N ILE D 77 -0.74 36.53 -30.65
CA ILE D 77 -0.40 36.49 -32.03
C ILE D 77 -1.58 35.87 -32.77
N PRO D 78 -2.03 36.50 -33.88
CA PRO D 78 -2.98 35.80 -34.71
C PRO D 78 -2.46 34.37 -34.90
N ASN D 79 -3.36 33.38 -34.87
CA ASN D 79 -2.93 31.99 -34.97
C ASN D 79 -2.65 31.62 -36.44
N PHE D 80 -1.36 31.38 -36.73
CA PHE D 80 -0.86 31.01 -38.04
C PHE D 80 -0.79 29.48 -38.23
N THR D 81 -1.15 28.73 -37.18
CA THR D 81 -1.17 27.24 -37.22
C THR D 81 -2.61 26.70 -37.28
N GLU D 82 -2.73 25.39 -37.43
CA GLU D 82 -4.03 24.74 -37.44
C GLU D 82 -4.48 24.25 -36.04
N ALA D 83 -3.83 24.78 -35.00
CA ALA D 83 -4.11 24.42 -33.61
C ALA D 83 -5.45 24.98 -33.13
N LYS D 84 -6.21 24.10 -32.45
CA LYS D 84 -7.63 24.26 -32.10
C LYS D 84 -7.82 24.89 -30.74
N GLN D 85 -8.92 25.63 -30.53
CA GLN D 85 -9.27 26.09 -29.21
C GLN D 85 -9.21 24.87 -28.28
N SER D 86 -8.61 25.08 -27.10
CA SER D 86 -8.26 23.97 -26.22
C SER D 86 -8.94 24.04 -24.87
N ILE D 87 -9.76 25.06 -24.65
CA ILE D 87 -10.53 25.22 -23.42
C ILE D 87 -12.00 25.36 -23.74
N VAL D 88 -12.84 24.71 -22.96
CA VAL D 88 -14.29 24.78 -23.15
C VAL D 88 -14.98 25.06 -21.80
N LYS D 89 -15.91 26.01 -21.79
CA LYS D 89 -16.85 26.22 -20.70
C LYS D 89 -17.63 24.95 -20.31
N ILE D 90 -17.57 24.58 -19.01
CA ILE D 90 -18.34 23.47 -18.47
C ILE D 90 -19.76 23.92 -18.18
N THR D 91 -20.74 23.15 -18.67
CA THR D 91 -22.16 23.44 -18.48
C THR D 91 -22.82 22.21 -17.89
N ASN D 92 -24.06 22.37 -17.43
CA ASN D 92 -24.85 21.25 -16.93
C ASN D 92 -24.93 20.06 -17.89
N GLU D 93 -25.04 20.37 -19.19
CA GLU D 93 -25.24 19.39 -20.26
C GLU D 93 -23.97 18.66 -20.71
N ASN D 94 -22.80 19.29 -20.59
CA ASN D 94 -21.51 18.72 -21.02
C ASN D 94 -20.60 18.13 -19.88
N GLU D 95 -20.99 18.41 -18.64
CA GLU D 95 -20.30 17.91 -17.45
C GLU D 95 -20.11 16.38 -17.42
N LYS D 96 -21.04 15.65 -18.03
CA LYS D 96 -20.98 14.17 -18.06
C LYS D 96 -19.77 13.61 -18.83
N TYR D 97 -19.08 14.51 -19.52
CA TYR D 97 -18.03 14.18 -20.49
C TYR D 97 -16.62 14.37 -19.93
N ILE D 98 -16.53 15.12 -18.82
CA ILE D 98 -15.30 15.25 -18.03
C ILE D 98 -14.67 13.91 -17.60
N LYS D 99 -13.44 13.64 -18.05
CA LYS D 99 -12.63 12.56 -17.48
C LYS D 99 -11.74 13.18 -16.39
N THR D 100 -11.35 12.35 -15.42
CA THR D 100 -10.41 12.77 -14.37
C THR D 100 -9.25 11.73 -14.23
N GLY D 101 -8.15 12.16 -13.59
CA GLY D 101 -7.00 11.29 -13.38
C GLY D 101 -5.74 11.99 -12.93
N TYR D 102 -4.76 11.19 -12.54
CA TYR D 102 -3.48 11.69 -12.07
C TYR D 102 -2.49 11.62 -13.21
N ILE D 103 -2.16 12.79 -13.75
CA ILE D 103 -1.34 13.00 -14.95
C ILE D 103 -0.08 13.83 -14.59
N SER D 104 1.12 13.42 -15.03
CA SER D 104 2.37 14.22 -14.89
C SER D 104 2.55 15.07 -16.15
N ARG D 105 3.17 16.24 -16.08
CA ARG D 105 3.39 17.01 -17.34
C ARG D 105 4.58 16.45 -18.10
N ARG D 106 5.51 15.85 -17.37
CA ARG D 106 6.74 15.28 -17.93
C ARG D 106 7.20 14.24 -16.94
N ASP D 107 8.13 13.37 -17.37
CA ASP D 107 8.61 12.23 -16.54
C ASP D 107 9.18 12.67 -15.21
N GLU D 108 9.87 13.79 -15.18
CA GLU D 108 10.46 14.35 -13.98
C GLU D 108 9.53 14.93 -12.93
N GLU D 109 8.26 15.03 -13.25
CA GLU D 109 7.28 15.60 -12.31
C GLU D 109 6.37 14.55 -11.67
N ILE D 110 5.97 14.74 -10.43
CA ILE D 110 4.82 14.05 -9.86
C ILE D 110 3.49 14.26 -10.50
N PRO D 111 2.69 13.22 -10.66
CA PRO D 111 1.35 13.37 -11.22
C PRO D 111 0.35 14.04 -10.31
N VAL D 112 -0.56 14.77 -10.89
CA VAL D 112 -1.48 15.62 -10.20
C VAL D 112 -2.87 15.34 -10.71
N LEU D 113 -3.84 15.37 -9.86
CA LEU D 113 -5.22 15.38 -10.22
C LEU D 113 -5.69 16.43 -11.22
N SER D 114 -6.28 15.96 -12.28
CA SER D 114 -6.60 16.84 -13.39
C SER D 114 -7.97 16.43 -13.93
N ARG D 115 -8.65 17.36 -14.58
CA ARG D 115 -9.85 17.00 -15.34
C ARG D 115 -9.80 17.57 -16.72
N TRP D 116 -10.42 16.85 -17.64
CA TRP D 116 -10.35 17.24 -19.05
C TRP D 116 -11.56 16.76 -19.84
N PHE D 117 -11.78 17.37 -21.00
CA PHE D 117 -12.62 16.73 -22.02
C PHE D 117 -11.74 15.90 -22.92
N PRO D 118 -12.09 14.61 -23.13
CA PRO D 118 -11.38 13.77 -24.11
C PRO D 118 -11.47 14.32 -25.55
N LYS D 119 -10.52 13.99 -26.42
CA LYS D 119 -10.56 14.47 -27.81
C LYS D 119 -11.76 13.99 -28.64
N ASP D 120 -12.33 12.83 -28.29
N ASP D 120 -12.33 12.83 -28.32
CA ASP D 120 -13.46 12.27 -29.04
CA ASP D 120 -13.43 12.32 -29.09
C ASP D 120 -14.84 12.71 -28.48
C ASP D 120 -14.82 12.66 -28.45
N SER D 121 -14.85 13.26 -27.25
CA SER D 121 -16.10 13.68 -26.61
C SER D 121 -16.85 14.78 -27.38
N PRO D 122 -18.20 14.84 -27.27
CA PRO D 122 -19.01 15.89 -27.96
C PRO D 122 -18.60 17.37 -27.78
N PRO D 123 -18.22 17.81 -26.55
CA PRO D 123 -17.66 19.17 -26.44
C PRO D 123 -16.40 19.45 -27.27
N ALA D 124 -15.70 18.40 -27.67
CA ALA D 124 -14.43 18.43 -28.42
C ALA D 124 -14.58 18.42 -29.94
N SER D 125 -15.70 17.86 -30.41
CA SER D 125 -15.85 17.59 -31.84
C SER D 125 -16.28 18.84 -32.67
N GLN D 126 -16.71 19.88 -31.96
CA GLN D 126 -17.13 21.15 -32.56
C GLN D 126 -15.94 21.98 -32.95
N LEU D 127 -14.94 21.92 -32.09
CA LEU D 127 -13.88 22.91 -32.03
C LEU D 127 -13.09 23.03 -33.35
N ILE D 128 -12.56 24.22 -33.59
CA ILE D 128 -11.80 24.54 -34.79
C ILE D 128 -10.58 25.40 -34.44
N LYS D 129 -9.81 25.75 -35.45
CA LYS D 129 -8.68 26.66 -35.34
C LYS D 129 -9.02 27.84 -34.41
N SER D 130 -8.16 28.06 -33.44
CA SER D 130 -8.36 29.16 -32.53
C SER D 130 -7.89 30.47 -33.23
N LYS D 131 -8.34 31.62 -32.71
CA LYS D 131 -8.13 32.91 -33.35
C LYS D 131 -6.72 33.41 -33.04
N TYR D 132 -6.29 33.15 -31.82
CA TYR D 132 -4.99 33.64 -31.38
C TYR D 132 -4.12 32.52 -30.81
N LEU D 133 -2.84 32.84 -30.62
CA LEU D 133 -1.95 32.05 -29.78
C LEU D 133 -1.44 32.97 -28.67
N ASP D 134 -1.57 32.55 -27.40
CA ASP D 134 -0.86 33.18 -26.24
C ASP D 134 0.47 32.46 -26.19
N ILE D 135 1.54 33.13 -26.64
CA ILE D 135 2.92 32.62 -26.54
C ILE D 135 3.50 33.11 -25.21
N ILE D 136 3.68 32.17 -24.27
CA ILE D 136 4.22 32.42 -22.93
C ILE D 136 5.75 32.30 -22.92
N LEU D 137 6.41 33.31 -22.37
CA LEU D 137 7.86 33.48 -22.46
C LEU D 137 8.51 33.48 -21.08
N TYR D 138 9.57 32.70 -20.86
CA TYR D 138 10.36 32.88 -19.63
C TYR D 138 11.72 33.41 -19.97
N SER D 139 12.29 34.20 -19.05
CA SER D 139 13.61 34.76 -19.22
C SER D 139 14.65 33.64 -19.19
N LYS D 140 15.80 33.97 -19.79
CA LYS D 140 16.93 33.05 -19.92
C LYS D 140 17.35 32.61 -18.55
N GLU D 141 17.40 33.54 -17.58
CA GLU D 141 17.85 33.28 -16.19
C GLU D 141 16.87 32.40 -15.38
N GLN D 142 15.56 32.59 -15.55
CA GLN D 142 14.56 31.69 -15.00
C GLN D 142 14.66 30.28 -15.60
N CYS D 143 14.86 30.19 -16.91
CA CYS D 143 15.01 28.87 -17.55
C CYS D 143 16.23 28.12 -17.03
N GLU D 144 17.33 28.84 -16.84
CA GLU D 144 18.56 28.23 -16.33
C GLU D 144 18.48 27.94 -14.83
N LYS D 145 17.78 28.79 -14.10
CA LYS D 145 17.52 28.54 -12.69
C LYS D 145 16.74 27.24 -12.45
N GLU D 146 15.68 27.01 -13.21
CA GLU D 146 14.89 25.76 -13.16
C GLU D 146 15.66 24.51 -13.66
N SER D 147 16.44 24.68 -14.73
CA SER D 147 17.34 23.65 -15.26
C SER D 147 18.34 23.15 -14.20
N SER D 148 18.98 24.08 -13.51
CA SER D 148 19.94 23.76 -12.46
C SER D 148 19.38 23.04 -11.21
N ILE D 149 18.06 23.13 -11.00
CA ILE D 149 17.38 22.40 -9.90
C ILE D 149 16.83 21.04 -10.35
N MSE D 150 16.30 20.98 -11.55
CA MSE D 150 15.71 19.74 -12.06
C MSE D 150 16.76 18.86 -12.73
O MSE D 150 16.66 17.63 -12.71
CB MSE D 150 14.58 20.04 -13.04
CG MSE D 150 13.48 20.91 -12.41
SE MSE D 150 12.36 19.98 -11.10
CE MSE D 150 11.33 18.72 -12.36
N ASN D 151 17.78 19.51 -13.29
CA ASN D 151 18.85 18.84 -14.03
C ASN D 151 18.32 18.17 -15.28
N CYS D 153 18.34 18.07 -18.98
CA CYS D 153 19.31 17.75 -20.01
C CYS D 153 18.68 17.59 -21.38
N LEU D 154 17.65 18.40 -21.66
CA LEU D 154 17.09 18.42 -23.02
C LEU D 154 17.47 19.67 -23.81
N GLN D 155 17.50 19.51 -25.13
CA GLN D 155 17.88 20.56 -26.09
C GLN D 155 16.81 21.64 -26.29
N ASP D 156 17.21 22.89 -26.24
CA ASP D 156 16.36 24.01 -26.67
C ASP D 156 16.42 24.17 -28.19
N ILE D 157 15.33 24.66 -28.79
CA ILE D 157 15.32 25.02 -30.22
C ILE D 157 15.72 26.48 -30.41
N LEU D 158 16.74 26.69 -31.22
CA LEU D 158 17.25 28.04 -31.49
C LEU D 158 17.06 28.43 -32.94
N ASP D 159 16.62 29.68 -33.14
CA ASP D 159 16.56 30.29 -34.45
C ASP D 159 17.99 30.57 -34.91
N ASP D 160 18.30 30.21 -36.15
CA ASP D 160 19.63 30.46 -36.75
C ASP D 160 20.05 31.92 -36.59
N ARG D 161 19.04 32.79 -36.57
CA ARG D 161 19.24 34.24 -36.46
C ARG D 161 19.49 34.74 -35.04
N GLU D 162 19.37 33.88 -34.03
CA GLU D 162 19.59 34.26 -32.61
C GLU D 162 19.95 33.06 -31.71
N LYS D 163 21.24 32.90 -31.44
CA LYS D 163 21.73 31.75 -30.68
C LYS D 163 21.79 32.09 -29.20
N ASN D 164 21.57 33.37 -28.90
CA ASN D 164 21.60 33.81 -27.52
C ASN D 164 20.35 34.61 -27.09
N PRO D 165 19.13 34.02 -27.21
CA PRO D 165 17.90 34.77 -26.87
C PRO D 165 17.84 35.16 -25.40
N ASP D 166 17.16 36.27 -25.11
CA ASP D 166 16.91 36.68 -23.70
C ASP D 166 15.63 36.06 -23.14
N TRP D 167 14.72 35.70 -24.05
CA TRP D 167 13.41 35.10 -23.74
C TRP D 167 13.18 33.80 -24.54
N TYR D 168 12.57 32.81 -23.89
CA TYR D 168 12.22 31.54 -24.50
C TYR D 168 10.74 31.25 -24.40
N ILE D 169 10.20 30.61 -25.43
CA ILE D 169 8.82 30.11 -25.42
C ILE D 169 8.79 28.89 -24.52
N ILE D 170 7.98 28.96 -23.44
CA ILE D 170 7.78 27.78 -22.56
C ILE D 170 6.42 27.07 -22.75
N SER D 171 5.46 27.81 -23.30
CA SER D 171 4.10 27.32 -23.45
C SER D 171 3.39 28.15 -24.49
N ILE D 172 2.45 27.52 -25.19
CA ILE D 172 1.65 28.13 -26.25
C ILE D 172 0.20 27.77 -26.02
N LYS D 173 -0.64 28.78 -25.85
CA LYS D 173 -2.08 28.56 -25.65
C LYS D 173 -2.80 29.01 -26.90
N ALA D 174 -3.52 28.07 -27.51
CA ALA D 174 -4.41 28.29 -28.66
C ALA D 174 -5.79 28.71 -28.15
N GLN D 175 -6.14 29.98 -28.36
CA GLN D 175 -7.27 30.59 -27.66
C GLN D 175 -7.91 31.69 -28.51
N ASN D 176 -9.14 32.03 -28.17
CA ASN D 176 -9.93 32.95 -28.99
C ASN D 176 -9.74 34.40 -28.56
N GLU D 177 -9.32 34.60 -27.32
CA GLU D 177 -9.16 35.94 -26.77
C GLU D 177 -7.71 36.41 -26.87
N SER D 178 -7.52 37.72 -26.92
CA SER D 178 -6.20 38.30 -27.10
C SER D 178 -5.60 38.76 -25.77
N PHE D 179 -5.95 38.05 -24.70
CA PHE D 179 -5.44 38.37 -23.38
C PHE D 179 -5.26 37.12 -22.52
N GLU D 180 -4.49 37.24 -21.45
CA GLU D 180 -4.14 36.11 -20.66
C GLU D 180 -5.35 35.52 -19.96
N VAL D 181 -5.46 34.22 -20.12
CA VAL D 181 -6.36 33.36 -19.39
C VAL D 181 -5.64 32.87 -18.12
N PRO D 182 -6.33 32.84 -16.98
CA PRO D 182 -5.72 32.27 -15.76
C PRO D 182 -5.05 30.89 -15.94
N MSE D 183 -3.86 30.73 -15.35
CA MSE D 183 -3.29 29.40 -15.18
C MSE D 183 -4.10 28.54 -14.22
O MSE D 183 -4.79 29.05 -13.32
CB MSE D 183 -1.80 29.49 -14.83
CG MSE D 183 -1.41 29.50 -13.33
SE MSE D 183 0.47 30.29 -12.99
CE MSE D 183 -0.04 32.16 -12.84
N GLU D 184 -4.11 27.24 -14.45
CA GLU D 184 -4.89 26.30 -13.64
C GLU D 184 -4.39 26.34 -12.21
N PRO D 185 -5.27 26.07 -11.21
CA PRO D 185 -4.83 26.15 -9.81
C PRO D 185 -3.70 25.25 -9.33
N ILE D 186 -3.57 24.01 -9.84
CA ILE D 186 -2.41 23.15 -9.51
C ILE D 186 -1.15 23.79 -9.98
N THR D 187 -1.20 24.45 -11.12
CA THR D 187 -0.02 25.09 -11.71
C THR D 187 0.51 26.10 -10.69
N ILE D 188 -0.43 26.80 -10.02
CA ILE D 188 -0.12 27.79 -9.01
C ILE D 188 0.48 27.17 -7.71
N LEU D 189 -0.14 26.09 -7.26
CA LEU D 189 0.34 25.32 -6.11
C LEU D 189 1.68 24.68 -6.35
N ARG D 190 1.90 24.11 -7.53
CA ARG D 190 3.23 23.53 -7.83
C ARG D 190 4.33 24.58 -8.02
N ASN D 191 3.96 25.80 -8.41
CA ASN D 191 4.95 26.89 -8.57
C ASN D 191 5.68 27.21 -7.24
N THR D 192 5.05 26.74 -6.17
CA THR D 192 5.47 26.91 -4.82
C THR D 192 6.66 25.97 -4.52
N LEU D 193 6.88 25.00 -5.42
CA LEU D 193 7.90 23.99 -5.22
C LEU D 193 8.81 23.86 -6.45
N ILE D 194 9.88 24.65 -6.48
CA ILE D 194 10.75 24.70 -7.64
C ILE D 194 11.47 23.37 -7.86
N GLU D 195 11.33 22.47 -6.90
CA GLU D 195 12.00 21.17 -6.96
C GLU D 195 11.05 20.08 -7.44
N GLU D 196 9.86 20.49 -7.88
CA GLU D 196 8.79 19.54 -8.20
C GLU D 196 8.18 19.85 -9.57
N GLY D 197 9.03 20.26 -10.50
CA GLY D 197 9.50 21.63 -10.55
C GLY D 197 8.51 22.56 -11.21
N GLY D 198 7.92 23.44 -10.40
CA GLY D 198 7.40 24.70 -10.88
C GLY D 198 8.45 25.80 -10.90
N SER D 199 8.00 27.04 -10.80
CA SER D 199 8.84 28.18 -11.11
C SER D 199 9.46 28.77 -9.85
N GLY D 200 8.95 28.34 -8.71
CA GLY D 200 9.38 28.82 -7.41
C GLY D 200 8.82 30.15 -6.92
N VAL D 201 7.56 30.48 -7.17
CA VAL D 201 6.97 31.68 -6.59
C VAL D 201 6.01 31.30 -5.45
N PRO D 202 6.04 32.04 -4.32
CA PRO D 202 5.09 31.77 -3.25
C PRO D 202 3.64 32.02 -3.64
N LEU D 203 2.72 31.28 -3.03
CA LEU D 203 1.31 31.37 -3.40
C LEU D 203 0.74 32.72 -2.98
N LYS D 204 0.03 33.36 -3.91
CA LYS D 204 -0.72 34.54 -3.60
C LYS D 204 -2.18 34.13 -3.71
N ARG D 205 -2.87 34.22 -2.60
CA ARG D 205 -4.24 33.76 -2.44
C ARG D 205 -5.21 34.38 -3.43
N GLU D 206 -5.10 35.71 -3.61
CA GLU D 206 -5.86 36.48 -4.59
C GLU D 206 -5.74 35.95 -6.00
N LYS D 207 -4.49 35.68 -6.40
CA LYS D 207 -4.26 35.14 -7.72
C LYS D 207 -4.82 33.71 -7.83
N TYR D 208 -4.70 32.92 -6.78
CA TYR D 208 -5.25 31.58 -6.73
C TYR D 208 -6.72 31.47 -6.88
N LEU D 209 -7.44 32.21 -6.06
CA LEU D 209 -8.86 32.31 -6.21
C LEU D 209 -9.33 32.99 -7.45
N GLU D 210 -8.56 33.92 -7.98
CA GLU D 210 -8.76 34.35 -9.34
C GLU D 210 -8.79 33.21 -10.36
N SER D 211 -7.81 32.34 -10.30
CA SER D 211 -7.80 31.17 -11.13
C SER D 211 -8.83 30.08 -10.82
N VAL D 212 -9.14 29.89 -9.55
CA VAL D 212 -10.25 29.07 -9.16
C VAL D 212 -11.57 29.51 -9.74
N GLU D 213 -11.88 30.77 -9.59
CA GLU D 213 -13.07 31.25 -10.22
C GLU D 213 -13.30 31.03 -11.73
N PHE D 214 -12.23 31.10 -12.52
CA PHE D 214 -12.22 30.67 -13.92
C PHE D 214 -12.39 29.17 -14.14
N TRP D 215 -11.55 28.35 -13.53
CA TRP D 215 -11.44 26.92 -13.82
C TRP D 215 -12.48 26.07 -13.08
N LYS D 216 -13.28 26.75 -12.23
CA LYS D 216 -14.51 26.18 -11.72
C LYS D 216 -15.40 25.70 -12.86
N GLU D 217 -15.42 26.45 -13.96
CA GLU D 217 -16.35 26.18 -15.03
C GLU D 217 -15.75 26.20 -16.40
N HIS D 218 -14.46 25.91 -16.46
CA HIS D 218 -13.84 25.63 -17.74
C HIS D 218 -12.99 24.38 -17.61
N ALA D 219 -12.79 23.69 -18.74
CA ALA D 219 -11.95 22.49 -18.78
C ALA D 219 -11.12 22.44 -20.06
N ILE D 220 -9.89 21.93 -19.95
CA ILE D 220 -9.04 21.76 -21.09
C ILE D 220 -9.59 20.64 -21.96
N VAL D 221 -9.31 20.73 -23.25
CA VAL D 221 -9.65 19.63 -24.17
C VAL D 221 -8.35 18.89 -24.50
N SER D 222 -8.41 17.58 -24.41
CA SER D 222 -7.23 16.76 -24.67
C SER D 222 -6.90 16.59 -26.15
N SER D 223 -5.60 16.45 -26.42
CA SER D 223 -5.06 16.04 -27.73
C SER D 223 -5.19 17.06 -28.84
O1 MES E . 22.60 -10.24 5.65
C2 MES E . 22.43 -9.03 6.44
C3 MES E . 20.95 -8.57 6.51
N4 MES E . 20.02 -9.72 6.34
C5 MES E . 20.43 -11.12 6.50
C6 MES E . 21.93 -11.36 6.24
C7 MES E . 18.63 -9.45 5.92
C8 MES E . 17.68 -9.78 7.08
S MES E . 16.08 -9.73 6.59
O1S MES E . 15.37 -8.55 7.12
O2S MES E . 15.35 -10.93 7.11
O3S MES E . 16.12 -9.64 5.10
O1 MES F . -6.78 21.34 13.12
C2 MES F . -6.55 22.15 11.95
C3 MES F . -6.39 21.40 10.62
N4 MES F . -5.48 20.27 10.83
C5 MES F . -5.52 19.48 12.08
C6 MES F . -5.72 20.37 13.32
C7 MES F . -4.53 19.93 9.79
C8 MES F . -4.94 18.53 9.29
S MES F . -4.21 18.15 7.84
O1S MES F . -5.03 17.12 7.16
O2S MES F . -2.88 17.56 8.14
O3S MES F . -4.04 19.37 7.00
O1 MES G . -7.46 -23.36 22.56
C2 MES G . -7.43 -22.18 21.77
C3 MES G . -6.49 -22.38 20.58
N4 MES G . -5.27 -23.15 20.92
C5 MES G . -5.31 -24.25 21.88
C6 MES G . -6.17 -23.77 23.05
C7 MES G . -4.02 -22.81 20.26
C8 MES G . -3.96 -23.56 18.93
S MES G . -2.39 -23.90 18.44
O1S MES G . -1.64 -24.38 19.63
O2S MES G . -1.74 -22.70 17.86
O3S MES G . -2.43 -24.97 17.40
O1 MES H . 11.43 24.51 -18.23
C2 MES H . 11.30 25.89 -17.87
C3 MES H . 9.79 26.21 -17.79
N4 MES H . 9.03 25.20 -17.05
C5 MES H . 9.45 23.80 -16.93
C6 MES H . 10.95 23.61 -17.21
C7 MES H . 7.74 25.63 -16.50
C8 MES H . 7.55 25.51 -14.98
S MES H . 5.99 26.09 -14.56
O1S MES H . 6.14 27.54 -14.27
O2S MES H . 5.44 25.37 -13.38
O3S MES H . 5.05 25.92 -15.70
#